data_5DBO
#
_entry.id   5DBO
#
_cell.length_a   109.430
_cell.length_b   109.430
_cell.length_c   219.060
_cell.angle_alpha   90.00
_cell.angle_beta   90.00
_cell.angle_gamma   120.00
#
_symmetry.space_group_name_H-M   'P 32 2 1'
#
loop_
_entity.id
_entity.type
_entity.pdbx_description
1 polymer 'Translation initiation factor eif-2b-like protein'
2 polymer 'Translation initiation factor eIF2b-like protein,Translation initiation factor eIF2b-like protein'
#
loop_
_entity_poly.entity_id
_entity_poly.type
_entity_poly.pdbx_seq_one_letter_code
_entity_poly.pdbx_strand_id
1 'polypeptide(L)'
;MAAEGYGAASPATATTQDGAKGAAPPNPAASINSPAPAANPEKLTPAQLKAKAKAEKQARRAAAKEAKSAVAAAGQPAQQ
SGSAGADSKGAAKGKGKQEGQQVPPKGVLVHRPSVSGRRPSIMVVEKDARSGIPECFSHIPMAKRIPTSQAHKDVHPAVL
AVGQQMATFALKDSISRLKATLLAFRKVIESYETPKGNSLSRHFVPHVLNPQIEYLTECRPMCFAMGNAIRLLKAKVNKF
DINTPEDEAKEGLLEWIDFLINERITLAEYVIARNAAQSINDGDTIVTYGRHRLVEKTLLRARKEGKSFNVTVLDDPYVG
EGKELAKVLRHAGIPVLYSPNLGGLRSKVPAASNVFLGGEAIFANGSLHAPSGTADVAMAATNAGAKVIVLCETINFDRE
RVSVDALTYNEIDPERNTGDCFRLLFDNTHERYITGVITEIEFGGGNSPAQAILALLRKQEDPLIA
;
A,C
2 'polypeptide(L)'
;MAPSQASHTPSLATWTKSLRDQSLEASIESLIFLLKRRQVTGDECAGAIAQLLRQVVAKSKWHDVDQLLYRVQTAGARLA
RAAPHEPVIGNIVRRVLGLIRDEASENRNADDIASDAASDIQSLAPSQPPPQQRPPPPARTLTSGLQVSKSMFNLLSVAD
PSESPVTGASTPISQAQQPFSVHALRSEVMDGIEEILDEINQADDQIASFAEIQIHPGDYVLAYQPSKTVERFLVKAASK
RRFTVILASLNPPAPGEEEQPYAALRKKLNAAGVSTINLASNGLMAYIPRVNKVIFGAKAVYQNGGLLVDSGACIAAQAA
HEYLKPVIALCGVYKFCPEDPSDEVSRGELGNPSSYVSYADGPELDSFEVENTTTDYIPPDLVDVYLTNLGPQTRHHLGG
IYADHYKIEDIGFSLQVGE
;
B,D
#
# COMPACT_ATOMS: atom_id res chain seq x y z
N LYS A 127 -21.25 17.69 22.64
CA LYS A 127 -22.46 17.01 22.18
C LYS A 127 -22.50 15.56 22.65
N ASP A 128 -21.84 14.69 21.88
CA ASP A 128 -21.78 13.28 22.20
C ASP A 128 -20.35 12.78 22.09
N ALA A 129 -20.06 11.68 22.77
CA ALA A 129 -18.72 11.12 22.74
C ALA A 129 -18.34 10.71 21.32
N ARG A 130 -19.30 10.14 20.60
CA ARG A 130 -19.06 9.73 19.22
C ARG A 130 -18.49 10.88 18.41
N SER A 131 -18.93 12.10 18.71
CA SER A 131 -18.44 13.27 17.99
C SER A 131 -16.97 13.53 18.33
N GLY A 132 -16.20 13.98 17.35
CA GLY A 132 -14.80 14.25 17.55
C GLY A 132 -13.93 13.08 17.11
N ILE A 133 -14.56 11.94 16.85
CA ILE A 133 -13.85 10.83 16.26
C ILE A 133 -13.54 11.20 14.82
N PRO A 134 -12.30 10.96 14.38
CA PRO A 134 -11.95 11.25 12.99
C PRO A 134 -12.80 10.50 11.99
N GLU A 135 -12.95 11.07 10.80
CA GLU A 135 -13.88 10.56 9.81
C GLU A 135 -13.58 9.15 9.34
N CYS A 136 -12.31 8.84 9.10
CA CYS A 136 -11.89 7.51 8.68
C CYS A 136 -12.35 6.42 9.65
N PHE A 137 -12.47 6.78 10.93
CA PHE A 137 -12.83 5.81 11.96
C PHE A 137 -14.27 5.97 12.50
N SER A 138 -15.13 6.69 11.79
CA SER A 138 -16.50 6.92 12.26
C SER A 138 -17.31 5.64 12.48
N HIS A 139 -17.16 4.71 11.53
CA HIS A 139 -17.93 3.47 11.49
C HIS A 139 -17.61 2.52 12.65
N ILE A 140 -16.41 2.64 13.22
CA ILE A 140 -15.99 1.74 14.29
C ILE A 140 -16.75 1.92 15.60
N PRO A 141 -17.26 0.81 16.17
CA PRO A 141 -17.97 0.88 17.45
C PRO A 141 -17.06 1.17 18.65
N MET A 142 -17.66 1.69 19.71
CA MET A 142 -16.95 2.03 20.92
C MET A 142 -17.84 1.79 22.14
N ALA A 143 -17.24 1.35 23.23
CA ALA A 143 -17.98 1.09 24.46
C ALA A 143 -18.49 2.38 25.09
N LYS A 144 -19.79 2.58 25.02
CA LYS A 144 -20.42 3.77 25.60
C LYS A 144 -20.84 3.49 27.04
N ARG A 145 -20.55 2.27 27.49
CA ARG A 145 -20.86 1.82 28.84
C ARG A 145 -22.37 1.82 29.14
N ILE A 146 -22.75 2.33 30.31
CA ILE A 146 -24.16 2.36 30.69
C ILE A 146 -24.68 3.77 30.98
N PRO A 147 -25.85 4.11 30.34
CA PRO A 147 -26.34 5.46 30.64
C PRO A 147 -27.43 5.44 31.69
N GLN A 150 -26.11 2.96 37.25
CA GLN A 150 -26.61 2.80 35.88
C GLN A 150 -28.10 2.55 35.88
N ALA A 151 -28.70 2.54 34.69
CA ALA A 151 -30.13 2.30 34.56
C ALA A 151 -30.35 0.83 34.24
N HIS A 152 -31.17 0.17 35.04
CA HIS A 152 -31.44 -1.24 34.84
C HIS A 152 -32.88 -1.54 34.43
N LYS A 153 -33.01 -2.25 33.32
CA LYS A 153 -34.30 -2.65 32.79
C LYS A 153 -34.62 -3.98 33.44
N ASP A 154 -35.58 -4.71 32.90
CA ASP A 154 -35.93 -6.00 33.48
C ASP A 154 -34.91 -7.02 32.97
N VAL A 155 -33.70 -6.89 33.47
CA VAL A 155 -32.59 -7.78 33.12
C VAL A 155 -32.28 -8.63 34.33
N HIS A 156 -31.57 -9.75 34.12
CA HIS A 156 -31.25 -10.62 35.23
C HIS A 156 -30.03 -10.08 35.96
N PRO A 157 -29.99 -10.24 37.29
CA PRO A 157 -28.88 -9.70 38.08
C PRO A 157 -27.51 -10.23 37.68
N ALA A 158 -27.42 -11.49 37.30
CA ALA A 158 -26.15 -12.05 36.83
C ALA A 158 -25.71 -11.36 35.54
N VAL A 159 -26.67 -11.20 34.62
CA VAL A 159 -26.41 -10.52 33.35
C VAL A 159 -26.00 -9.09 33.60
N LEU A 160 -26.64 -8.48 34.59
CA LEU A 160 -26.34 -7.12 34.99
C LEU A 160 -24.88 -7.03 35.44
N ALA A 161 -24.51 -7.92 36.35
CA ALA A 161 -23.16 -7.97 36.90
C ALA A 161 -22.11 -8.16 35.81
N VAL A 162 -22.25 -9.24 35.04
CA VAL A 162 -21.33 -9.57 33.97
C VAL A 162 -21.20 -8.39 33.01
N GLY A 163 -22.34 -7.78 32.67
CA GLY A 163 -22.36 -6.63 31.79
C GLY A 163 -21.59 -5.44 32.34
N GLN A 164 -21.68 -5.20 33.63
CA GLN A 164 -20.97 -4.04 34.14
C GLN A 164 -19.50 -4.37 34.43
N GLN A 165 -19.14 -5.65 34.44
CA GLN A 165 -17.70 -5.98 34.45
C GLN A 165 -17.16 -5.90 33.03
N MET A 166 -18.03 -6.03 32.05
CA MET A 166 -17.65 -5.78 30.66
C MET A 166 -17.46 -4.30 30.46
N ALA A 167 -18.28 -3.51 31.14
CA ALA A 167 -18.17 -2.05 31.08
C ALA A 167 -16.87 -1.58 31.76
N THR A 168 -16.48 -2.30 32.81
CA THR A 168 -15.27 -1.97 33.56
C THR A 168 -13.99 -2.46 32.87
N PHE A 169 -14.15 -3.36 31.91
CA PHE A 169 -13.02 -4.01 31.23
C PHE A 169 -12.23 -4.90 32.19
N ALA A 170 -12.89 -5.38 33.24
CA ALA A 170 -12.33 -6.36 34.15
C ALA A 170 -12.12 -7.69 33.40
N LEU A 171 -13.05 -7.98 32.50
CA LEU A 171 -12.96 -9.13 31.60
C LEU A 171 -12.80 -8.61 30.18
N LYS A 172 -11.60 -8.72 29.60
CA LYS A 172 -11.46 -8.25 28.23
C LYS A 172 -11.19 -9.36 27.24
N ASP A 173 -10.81 -10.54 27.73
CA ASP A 173 -10.72 -11.72 26.88
C ASP A 173 -12.10 -12.14 26.41
N SER A 174 -12.20 -12.49 25.13
CA SER A 174 -13.47 -12.92 24.58
C SER A 174 -13.94 -14.22 25.22
N ILE A 175 -13.00 -15.07 25.62
CA ILE A 175 -13.34 -16.34 26.27
C ILE A 175 -13.90 -16.12 27.69
N SER A 176 -13.30 -15.22 28.45
CA SER A 176 -13.77 -14.91 29.79
C SER A 176 -15.16 -14.29 29.71
N ARG A 177 -15.32 -13.39 28.74
CA ARG A 177 -16.61 -12.76 28.48
C ARG A 177 -17.68 -13.79 28.12
N LEU A 178 -17.30 -14.72 27.24
CA LEU A 178 -18.18 -15.79 26.79
C LEU A 178 -18.64 -16.66 27.94
N LYS A 179 -17.69 -17.06 28.78
CA LYS A 179 -17.96 -17.98 29.87
C LYS A 179 -18.85 -17.31 30.94
N ALA A 180 -18.50 -16.07 31.28
CA ALA A 180 -19.30 -15.32 32.25
C ALA A 180 -20.72 -15.13 31.74
N THR A 181 -20.82 -14.78 30.46
CA THR A 181 -22.12 -14.62 29.81
C THR A 181 -22.90 -15.92 29.85
N LEU A 182 -22.21 -17.04 29.63
CA LEU A 182 -22.88 -18.33 29.62
C LEU A 182 -23.42 -18.70 31.00
N LEU A 183 -22.66 -18.40 32.05
CA LEU A 183 -23.15 -18.71 33.39
C LEU A 183 -24.35 -17.81 33.73
N ALA A 184 -24.24 -16.54 33.34
CA ALA A 184 -25.33 -15.60 33.54
C ALA A 184 -26.61 -16.11 32.88
N PHE A 185 -26.52 -16.44 31.59
CA PHE A 185 -27.64 -16.97 30.83
C PHE A 185 -28.17 -18.27 31.42
N ARG A 186 -27.27 -19.08 31.98
CA ARG A 186 -27.65 -20.32 32.61
C ARG A 186 -28.60 -20.02 33.78
N LYS A 187 -28.20 -19.05 34.61
CA LYS A 187 -29.07 -18.71 35.74
C LYS A 187 -30.34 -18.00 35.28
N VAL A 188 -30.28 -17.34 34.13
CA VAL A 188 -31.49 -16.77 33.54
C VAL A 188 -32.48 -17.87 33.20
N ILE A 189 -31.95 -18.91 32.57
CA ILE A 189 -32.75 -20.05 32.15
C ILE A 189 -33.37 -20.81 33.29
N GLU A 190 -32.61 -21.11 34.33
CA GLU A 190 -33.18 -22.00 35.35
C GLU A 190 -34.17 -21.31 36.28
N SER A 191 -34.16 -19.97 36.30
CA SER A 191 -35.18 -19.21 37.01
C SER A 191 -36.41 -18.97 36.15
N TYR A 192 -36.25 -19.10 34.84
CA TYR A 192 -37.35 -18.81 33.91
C TYR A 192 -38.48 -19.81 34.09
N GLU A 193 -39.69 -19.26 34.21
CA GLU A 193 -40.89 -20.06 34.38
C GLU A 193 -41.86 -19.62 33.30
N THR A 194 -42.37 -20.58 32.54
CA THR A 194 -43.28 -20.26 31.47
C THR A 194 -44.62 -19.73 31.95
N PRO A 195 -45.13 -18.66 31.22
CA PRO A 195 -46.45 -18.20 31.68
C PRO A 195 -47.43 -19.29 31.27
N LYS A 196 -48.58 -19.38 31.93
CA LYS A 196 -49.51 -20.45 31.60
C LYS A 196 -49.99 -20.41 30.15
N GLY A 197 -50.34 -19.22 29.66
CA GLY A 197 -50.79 -19.10 28.29
C GLY A 197 -49.71 -19.42 27.27
N ASN A 198 -48.50 -18.93 27.55
CA ASN A 198 -47.35 -19.09 26.68
C ASN A 198 -46.60 -20.41 26.66
N SER A 199 -45.80 -20.57 25.60
CA SER A 199 -44.96 -21.74 25.38
C SER A 199 -43.53 -21.26 25.55
N LEU A 200 -42.65 -22.12 26.04
CA LEU A 200 -41.27 -21.72 26.27
C LEU A 200 -40.54 -21.28 25.01
N SER A 201 -40.73 -22.00 23.92
CA SER A 201 -40.05 -21.63 22.68
C SER A 201 -40.48 -20.26 22.19
N ARG A 202 -41.79 -20.03 22.22
CA ARG A 202 -42.39 -18.78 21.80
C ARG A 202 -42.10 -17.54 22.65
N HIS A 203 -42.16 -17.73 23.97
CA HIS A 203 -41.97 -16.63 24.92
C HIS A 203 -40.55 -16.32 25.41
N PHE A 204 -39.73 -17.33 25.65
CA PHE A 204 -38.40 -17.10 26.20
C PHE A 204 -37.41 -16.27 25.39
N VAL A 205 -37.27 -16.57 24.10
CA VAL A 205 -36.32 -15.80 23.30
C VAL A 205 -36.74 -14.34 23.09
N PRO A 206 -38.07 -14.15 22.74
CA PRO A 206 -38.45 -12.75 22.52
C PRO A 206 -38.48 -11.83 23.74
N HIS A 207 -39.03 -12.32 24.85
CA HIS A 207 -39.15 -11.49 26.04
C HIS A 207 -38.15 -11.70 27.18
N VAL A 208 -37.27 -12.68 27.06
CA VAL A 208 -36.29 -12.90 28.13
C VAL A 208 -34.83 -12.83 27.68
N LEU A 209 -34.47 -13.66 26.72
CA LEU A 209 -33.11 -13.71 26.24
C LEU A 209 -32.66 -12.43 25.56
N ASN A 210 -33.54 -11.84 24.76
CA ASN A 210 -33.22 -10.62 24.03
C ASN A 210 -32.92 -9.40 24.92
N PRO A 211 -33.70 -9.18 26.00
CA PRO A 211 -33.33 -8.06 26.89
C PRO A 211 -31.90 -8.18 27.44
N GLN A 212 -31.50 -9.40 27.80
CA GLN A 212 -30.15 -9.65 28.28
C GLN A 212 -29.19 -9.32 27.16
N ILE A 213 -29.52 -9.77 25.95
CA ILE A 213 -28.67 -9.51 24.80
C ILE A 213 -28.40 -8.02 24.63
N GLU A 214 -29.46 -7.21 24.56
CA GLU A 214 -29.24 -5.76 24.35
C GLU A 214 -28.59 -5.04 25.54
N TYR A 215 -28.89 -5.45 26.77
CA TYR A 215 -28.17 -4.87 27.90
C TYR A 215 -26.67 -5.12 27.79
N LEU A 216 -26.29 -6.38 27.55
CA LEU A 216 -24.86 -6.72 27.41
C LEU A 216 -24.20 -6.02 26.23
N THR A 217 -24.89 -6.04 25.10
CA THR A 217 -24.39 -5.45 23.86
C THR A 217 -24.20 -3.96 24.04
N GLU A 218 -24.99 -3.36 24.92
CA GLU A 218 -24.88 -1.92 25.14
C GLU A 218 -24.03 -1.60 26.37
N CYS A 219 -23.55 -2.62 27.08
CA CYS A 219 -22.46 -2.42 28.04
C CYS A 219 -21.14 -2.30 27.30
N ARG A 220 -20.95 -3.21 26.34
CA ARG A 220 -19.79 -3.21 25.47
C ARG A 220 -20.14 -4.02 24.23
N PRO A 221 -19.65 -3.59 23.05
CA PRO A 221 -19.88 -4.33 21.79
C PRO A 221 -19.46 -5.78 21.90
N MET A 222 -20.33 -6.69 21.47
CA MET A 222 -20.06 -8.10 21.65
C MET A 222 -18.92 -8.62 20.79
N CYS A 223 -18.08 -9.46 21.39
CA CYS A 223 -17.04 -10.15 20.65
C CYS A 223 -17.71 -11.30 19.90
N PHE A 224 -16.99 -11.89 18.95
CA PHE A 224 -17.59 -12.93 18.15
C PHE A 224 -18.05 -14.15 18.94
N ALA A 225 -17.27 -14.60 19.92
CA ALA A 225 -17.62 -15.81 20.67
C ALA A 225 -19.03 -15.73 21.23
N MET A 226 -19.34 -14.60 21.85
CA MET A 226 -20.67 -14.38 22.40
C MET A 226 -21.73 -14.41 21.32
N GLY A 227 -21.48 -13.75 20.20
CA GLY A 227 -22.44 -13.71 19.10
C GLY A 227 -22.75 -15.11 18.59
N ASN A 228 -21.69 -15.88 18.34
CA ASN A 228 -21.80 -17.23 17.84
C ASN A 228 -22.56 -18.13 18.81
N ALA A 229 -22.19 -18.04 20.08
CA ALA A 229 -22.85 -18.85 21.10
C ALA A 229 -24.32 -18.50 21.19
N ILE A 230 -24.64 -17.21 21.07
CA ILE A 230 -26.01 -16.76 21.10
C ILE A 230 -26.81 -17.32 19.93
N ARG A 231 -26.25 -17.23 18.73
CA ARG A 231 -26.95 -17.73 17.55
C ARG A 231 -27.17 -19.24 17.68
N LEU A 232 -26.19 -19.97 18.24
CA LEU A 232 -26.33 -21.40 18.47
C LEU A 232 -27.44 -21.69 19.48
N LEU A 233 -27.45 -20.90 20.54
CA LEU A 233 -28.44 -21.04 21.60
C LEU A 233 -29.84 -20.87 21.06
N LYS A 234 -30.03 -19.83 20.25
CA LYS A 234 -31.37 -19.60 19.71
C LYS A 234 -31.68 -20.62 18.61
N ALA A 235 -30.65 -21.18 17.99
CA ALA A 235 -30.84 -22.27 17.05
C ALA A 235 -31.42 -23.48 17.78
N LYS A 236 -30.92 -23.71 18.98
CA LYS A 236 -31.39 -24.82 19.79
C LYS A 236 -32.77 -24.52 20.37
N VAL A 237 -33.06 -23.24 20.58
CA VAL A 237 -34.36 -22.86 21.11
C VAL A 237 -35.48 -22.98 20.08
N ASN A 238 -35.22 -22.70 18.80
CA ASN A 238 -36.31 -22.74 17.84
C ASN A 238 -36.56 -24.13 17.28
N LYS A 239 -35.67 -25.06 17.61
CA LYS A 239 -35.96 -26.46 17.37
C LYS A 239 -37.09 -26.90 18.29
N PHE A 240 -37.20 -26.22 19.43
CA PHE A 240 -38.24 -26.51 20.39
C PHE A 240 -39.60 -26.16 19.80
N ASP A 241 -40.63 -26.81 20.34
CA ASP A 241 -42.01 -26.70 19.87
C ASP A 241 -42.95 -26.31 21.01
N ILE A 242 -44.18 -25.96 20.67
CA ILE A 242 -45.16 -25.70 21.72
C ILE A 242 -45.45 -26.95 22.59
N ASN A 243 -45.53 -28.14 21.98
CA ASN A 243 -45.75 -29.41 22.69
C ASN A 243 -44.49 -30.02 23.32
N THR A 244 -43.71 -29.21 24.02
CA THR A 244 -42.50 -29.66 24.73
C THR A 244 -42.60 -29.37 26.23
N PRO A 245 -42.31 -30.36 27.10
CA PRO A 245 -42.39 -29.92 28.51
C PRO A 245 -41.38 -28.82 28.77
N GLU A 246 -41.69 -27.91 29.70
CA GLU A 246 -40.80 -26.79 29.94
C GLU A 246 -39.53 -27.28 30.63
N ASP A 247 -39.68 -28.23 31.55
CA ASP A 247 -38.54 -28.78 32.28
C ASP A 247 -37.51 -29.40 31.33
N GLU A 248 -38.03 -30.14 30.36
CA GLU A 248 -37.20 -30.85 29.39
C GLU A 248 -36.48 -29.84 28.50
N ALA A 249 -37.18 -28.77 28.13
CA ALA A 249 -36.58 -27.72 27.36
C ALA A 249 -35.46 -27.05 28.16
N LYS A 250 -35.75 -26.77 29.43
CA LYS A 250 -34.80 -26.07 30.28
C LYS A 250 -33.53 -26.84 30.57
N GLU A 251 -33.59 -28.14 30.85
CA GLU A 251 -32.29 -28.80 31.09
C GLU A 251 -31.75 -29.40 29.80
N GLY A 252 -32.50 -29.31 28.71
CA GLY A 252 -31.90 -29.51 27.41
C GLY A 252 -30.91 -28.35 27.20
N LEU A 253 -31.42 -27.14 27.41
CA LEU A 253 -30.62 -25.94 27.29
C LEU A 253 -29.48 -25.92 28.29
N LEU A 254 -29.75 -26.35 29.52
CA LEU A 254 -28.73 -26.36 30.56
C LEU A 254 -27.64 -27.38 30.29
N GLU A 255 -28.01 -28.57 29.83
CA GLU A 255 -26.95 -29.53 29.55
C GLU A 255 -26.19 -29.15 28.28
N TRP A 256 -26.84 -28.36 27.43
CA TRP A 256 -26.12 -27.76 26.31
C TRP A 256 -25.11 -26.69 26.76
N ILE A 257 -25.51 -25.85 27.71
CA ILE A 257 -24.62 -24.82 28.24
C ILE A 257 -23.41 -25.48 28.92
N ASP A 258 -23.68 -26.51 29.72
CA ASP A 258 -22.61 -27.23 30.41
C ASP A 258 -21.66 -27.90 29.43
N PHE A 259 -22.21 -28.49 28.37
CA PHE A 259 -21.38 -29.14 27.36
C PHE A 259 -20.52 -28.10 26.65
N LEU A 260 -21.13 -26.95 26.37
CA LEU A 260 -20.44 -25.88 25.66
C LEU A 260 -19.25 -25.39 26.49
N ILE A 261 -19.49 -25.10 27.76
CA ILE A 261 -18.44 -24.64 28.65
C ILE A 261 -17.35 -25.70 28.86
N ASN A 262 -17.76 -26.96 29.04
CA ASN A 262 -16.82 -28.04 29.32
C ASN A 262 -15.94 -28.42 28.14
N GLU A 263 -16.52 -28.51 26.95
CA GLU A 263 -15.74 -29.01 25.82
C GLU A 263 -15.26 -27.94 24.83
N ARG A 264 -15.90 -26.77 24.81
N ARG A 264 -15.93 -26.78 24.81
CA ARG A 264 -15.43 -25.74 23.90
CA ARG A 264 -15.51 -25.70 23.92
C ARG A 264 -14.58 -24.69 24.61
C ARG A 264 -14.51 -24.78 24.61
N ILE A 265 -14.58 -24.73 25.93
CA ILE A 265 -13.77 -23.78 26.68
C ILE A 265 -12.75 -24.47 27.57
N THR A 266 -13.20 -25.24 28.56
CA THR A 266 -12.24 -25.80 29.54
C THR A 266 -11.33 -26.87 28.94
N LEU A 267 -11.95 -27.95 28.47
CA LEU A 267 -11.21 -29.05 27.87
C LEU A 267 -10.43 -28.57 26.66
N ALA A 268 -11.06 -27.70 25.87
CA ALA A 268 -10.41 -27.11 24.70
C ALA A 268 -9.13 -26.41 25.10
N GLU A 269 -9.22 -25.60 26.16
CA GLU A 269 -8.08 -24.89 26.68
C GLU A 269 -6.98 -25.88 27.06
N TYR A 270 -7.35 -26.93 27.78
CA TYR A 270 -6.38 -27.95 28.17
C TYR A 270 -5.64 -28.58 26.99
N VAL A 271 -6.42 -29.02 26.01
CA VAL A 271 -5.88 -29.73 24.86
C VAL A 271 -4.99 -28.80 24.03
N ILE A 272 -5.47 -27.59 23.78
CA ILE A 272 -4.70 -26.62 23.01
C ILE A 272 -3.37 -26.37 23.71
N ALA A 273 -3.44 -26.15 25.02
CA ALA A 273 -2.21 -25.94 25.78
C ALA A 273 -1.23 -27.13 25.65
N ARG A 274 -1.71 -28.34 25.90
CA ARG A 274 -0.86 -29.55 25.77
C ARG A 274 -0.21 -29.70 24.38
N ASN A 275 -1.06 -29.73 23.35
CA ASN A 275 -0.61 -29.97 21.98
C ASN A 275 0.36 -28.87 21.52
N ALA A 276 0.07 -27.62 21.88
CA ALA A 276 0.98 -26.55 21.50
C ALA A 276 2.29 -26.73 22.26
N ALA A 277 2.20 -27.15 23.52
CA ALA A 277 3.38 -27.33 24.36
C ALA A 277 4.32 -28.42 23.87
N GLN A 278 3.79 -29.46 23.24
CA GLN A 278 4.71 -30.50 22.78
C GLN A 278 5.48 -30.00 21.55
N SER A 279 5.00 -28.94 20.92
CA SER A 279 5.71 -28.32 19.81
C SER A 279 7.01 -27.68 20.29
N ILE A 280 7.00 -27.17 21.53
CA ILE A 280 8.18 -26.56 22.15
C ILE A 280 9.22 -27.59 22.58
N ASN A 281 10.50 -27.35 22.28
CA ASN A 281 11.59 -28.24 22.69
C ASN A 281 12.71 -27.51 23.43
N ASP A 282 13.57 -28.29 24.09
CA ASP A 282 14.63 -27.71 24.92
C ASP A 282 15.58 -26.86 24.08
N GLY A 283 15.94 -25.71 24.64
CA GLY A 283 16.82 -24.77 23.97
C GLY A 283 16.09 -23.80 23.05
N ASP A 284 14.77 -23.94 22.94
CA ASP A 284 13.99 -23.04 22.09
C ASP A 284 13.84 -21.65 22.71
N THR A 285 13.71 -20.66 21.84
CA THR A 285 13.36 -19.32 22.30
C THR A 285 11.96 -18.98 21.82
N ILE A 286 11.06 -18.79 22.77
CA ILE A 286 9.66 -18.52 22.48
C ILE A 286 9.40 -17.02 22.63
N VAL A 287 8.71 -16.44 21.65
CA VAL A 287 8.34 -15.03 21.72
C VAL A 287 6.82 -14.92 21.80
N THR A 288 6.31 -14.10 22.72
CA THR A 288 4.87 -13.88 22.82
C THR A 288 4.55 -12.40 23.02
N TYR A 289 3.32 -12.02 22.70
CA TYR A 289 2.91 -10.63 22.74
C TYR A 289 1.77 -10.39 23.72
N GLY A 290 2.00 -9.51 24.69
CA GLY A 290 1.01 -9.28 25.72
C GLY A 290 0.81 -10.54 26.54
N ARG A 291 -0.35 -10.65 27.17
CA ARG A 291 -0.65 -11.83 27.96
C ARG A 291 -1.87 -12.50 27.39
N HIS A 292 -1.75 -13.78 27.05
CA HIS A 292 -2.86 -14.53 26.52
C HIS A 292 -3.04 -15.76 27.38
N ARG A 293 -4.30 -16.08 27.68
CA ARG A 293 -4.57 -17.22 28.52
C ARG A 293 -4.06 -18.51 27.92
N LEU A 294 -4.28 -18.71 26.62
CA LEU A 294 -3.82 -19.94 25.98
C LEU A 294 -2.29 -20.03 25.96
N VAL A 295 -1.64 -18.93 25.65
CA VAL A 295 -0.18 -18.89 25.60
C VAL A 295 0.43 -19.10 26.98
N GLU A 296 -0.16 -18.47 27.98
CA GLU A 296 0.33 -18.57 29.35
C GLU A 296 0.27 -19.99 29.86
N LYS A 297 -0.83 -20.68 29.55
CA LYS A 297 -0.98 -22.06 29.98
C LYS A 297 -0.11 -23.03 29.17
N THR A 298 0.11 -22.71 27.90
CA THR A 298 1.00 -23.51 27.06
C THR A 298 2.43 -23.49 27.61
N LEU A 299 2.96 -22.30 27.86
CA LEU A 299 4.32 -22.16 28.40
C LEU A 299 4.46 -22.78 29.80
N LEU A 300 3.46 -22.56 30.64
CA LEU A 300 3.45 -23.16 31.98
C LEU A 300 3.49 -24.69 31.87
N ARG A 301 2.63 -25.24 31.02
CA ARG A 301 2.63 -26.68 30.78
C ARG A 301 3.98 -27.18 30.29
N ALA A 302 4.55 -26.49 29.32
CA ALA A 302 5.83 -26.86 28.75
C ALA A 302 6.89 -26.92 29.83
N ARG A 303 6.86 -25.96 30.76
CA ARG A 303 7.85 -25.98 31.83
C ARG A 303 7.56 -27.12 32.81
N LYS A 304 6.28 -27.43 33.00
CA LYS A 304 5.91 -28.46 33.95
C LYS A 304 6.25 -29.85 33.42
N GLU A 305 6.44 -29.91 32.10
CA GLU A 305 6.90 -31.14 31.43
C GLU A 305 8.41 -31.34 31.59
N GLY A 306 9.06 -30.40 32.26
CA GLY A 306 10.48 -30.54 32.54
C GLY A 306 11.34 -29.92 31.48
N LYS A 307 10.71 -29.33 30.47
CA LYS A 307 11.43 -28.69 29.38
C LYS A 307 12.07 -27.37 29.80
N SER A 308 13.24 -27.08 29.25
CA SER A 308 13.93 -25.83 29.55
C SER A 308 14.00 -24.97 28.30
N PHE A 309 13.55 -23.72 28.41
CA PHE A 309 13.45 -22.85 27.26
C PHE A 309 13.46 -21.39 27.67
N ASN A 310 13.53 -20.50 26.68
CA ASN A 310 13.54 -19.07 26.95
C ASN A 310 12.29 -18.39 26.41
N VAL A 311 11.74 -17.47 27.18
CA VAL A 311 10.57 -16.75 26.71
C VAL A 311 10.85 -15.26 26.63
N THR A 312 10.58 -14.68 25.47
CA THR A 312 10.66 -13.23 25.31
C THR A 312 9.25 -12.68 25.28
N VAL A 313 8.92 -11.87 26.28
CA VAL A 313 7.59 -11.27 26.40
C VAL A 313 7.57 -9.81 25.94
N LEU A 314 6.81 -9.56 24.88
CA LEU A 314 6.61 -8.21 24.37
C LEU A 314 5.29 -7.65 24.89
N ASP A 315 5.21 -6.34 25.03
CA ASP A 315 4.03 -5.75 25.66
C ASP A 315 3.50 -4.52 24.95
N ASP A 316 2.21 -4.23 25.19
CA ASP A 316 1.63 -2.94 24.84
C ASP A 316 1.80 -2.02 26.03
N PRO A 317 2.63 -0.98 25.90
CA PRO A 317 2.88 -0.02 27.00
C PRO A 317 1.60 0.69 27.47
N TYR A 318 0.55 0.61 26.65
CA TYR A 318 -0.75 1.17 27.00
C TYR A 318 -1.60 0.17 27.79
N VAL A 319 -1.27 -1.12 27.69
CA VAL A 319 -1.97 -2.16 28.44
C VAL A 319 -1.12 -2.66 29.61
N GLY A 320 0.03 -3.23 29.28
CA GLY A 320 1.02 -3.59 30.29
C GLY A 320 0.76 -4.87 31.05
N GLU A 321 -0.04 -5.77 30.49
CA GLU A 321 -0.34 -7.03 31.18
C GLU A 321 0.80 -8.03 31.09
N GLY A 322 1.62 -7.89 30.04
CA GLY A 322 2.72 -8.81 29.83
C GLY A 322 3.68 -8.91 31.00
N LYS A 323 3.83 -7.83 31.76
CA LYS A 323 4.77 -7.85 32.86
C LYS A 323 4.32 -8.89 33.87
N GLU A 324 3.01 -8.96 34.10
CA GLU A 324 2.54 -9.88 35.12
C GLU A 324 2.76 -11.28 34.59
N LEU A 325 2.50 -11.49 33.30
CA LEU A 325 2.71 -12.79 32.72
C LEU A 325 4.17 -13.13 32.86
N ALA A 326 5.03 -12.14 32.67
CA ALA A 326 6.47 -12.36 32.79
C ALA A 326 6.83 -12.77 34.21
N LYS A 327 6.23 -12.11 35.18
CA LYS A 327 6.50 -12.42 36.59
C LYS A 327 6.06 -13.85 36.91
N VAL A 328 4.91 -14.24 36.37
CA VAL A 328 4.38 -15.58 36.60
C VAL A 328 5.33 -16.62 36.05
N LEU A 329 5.88 -16.35 34.88
CA LEU A 329 6.82 -17.28 34.25
C LEU A 329 8.06 -17.45 35.12
N ARG A 330 8.54 -16.35 35.70
CA ARG A 330 9.72 -16.41 36.55
C ARG A 330 9.45 -17.30 37.76
N HIS A 331 8.25 -17.16 38.33
CA HIS A 331 7.87 -17.96 39.48
C HIS A 331 7.88 -19.40 39.03
N ALA A 332 7.45 -19.60 37.79
CA ALA A 332 7.39 -20.92 37.17
C ALA A 332 8.79 -21.48 37.02
N GLY A 333 9.78 -20.60 37.03
CA GLY A 333 11.17 -21.03 36.87
C GLY A 333 11.69 -20.93 35.46
N ILE A 334 10.92 -20.31 34.58
CA ILE A 334 11.33 -20.14 33.20
C ILE A 334 12.03 -18.80 33.03
N PRO A 335 13.32 -18.85 32.51
CA PRO A 335 13.95 -17.52 32.36
C PRO A 335 13.25 -16.72 31.28
N VAL A 336 13.03 -15.43 31.50
CA VAL A 336 12.35 -14.61 30.52
C VAL A 336 12.91 -13.20 30.35
N LEU A 337 12.80 -12.68 29.13
CA LEU A 337 13.21 -11.32 28.81
C LEU A 337 11.98 -10.46 28.56
N TYR A 338 11.85 -9.35 29.30
CA TYR A 338 10.67 -8.51 29.18
C TYR A 338 10.97 -7.23 28.40
N SER A 339 10.10 -6.91 27.46
CA SER A 339 10.16 -5.67 26.69
C SER A 339 8.85 -4.90 26.77
N PRO A 340 8.89 -3.67 27.32
CA PRO A 340 7.66 -2.90 27.55
C PRO A 340 6.93 -2.48 26.27
N ASN A 341 7.62 -2.57 25.14
CA ASN A 341 7.08 -2.13 23.86
C ASN A 341 7.68 -2.90 22.69
N LEU A 342 7.33 -2.46 21.48
CA LEU A 342 7.79 -3.13 20.27
C LEU A 342 9.01 -2.48 19.64
N GLY A 343 9.70 -1.63 20.39
CA GLY A 343 10.94 -1.06 19.90
C GLY A 343 12.01 -2.13 19.81
N GLY A 344 12.90 -1.99 18.84
CA GLY A 344 13.99 -2.95 18.67
C GLY A 344 13.47 -4.34 18.43
N LEU A 345 12.35 -4.43 17.72
CA LEU A 345 11.66 -5.68 17.46
C LEU A 345 12.50 -6.69 16.69
N ARG A 346 13.23 -6.19 15.69
CA ARG A 346 14.06 -7.02 14.83
C ARG A 346 15.06 -7.78 15.69
N SER A 347 15.54 -7.13 16.74
CA SER A 347 16.53 -7.72 17.64
C SER A 347 16.03 -8.97 18.36
N LYS A 348 14.78 -8.94 18.84
CA LYS A 348 14.33 -10.02 19.72
C LYS A 348 13.39 -11.02 19.07
N VAL A 349 13.24 -10.95 17.76
CA VAL A 349 12.55 -12.00 17.04
C VAL A 349 13.46 -12.60 15.96
N PRO A 350 14.47 -13.38 16.38
CA PRO A 350 15.38 -13.98 15.40
C PRO A 350 14.65 -15.07 14.63
N ALA A 351 15.21 -15.51 13.50
CA ALA A 351 14.58 -16.54 12.70
C ALA A 351 14.37 -17.83 13.49
N ALA A 352 15.29 -18.11 14.41
CA ALA A 352 15.23 -19.30 15.24
C ALA A 352 14.07 -19.28 16.23
N SER A 353 13.58 -18.09 16.54
CA SER A 353 12.49 -17.94 17.52
C SER A 353 11.20 -18.58 17.04
N ASN A 354 10.38 -19.00 18.00
CA ASN A 354 9.02 -19.46 17.69
C ASN A 354 8.04 -18.52 18.36
N VAL A 355 7.13 -17.91 17.61
CA VAL A 355 6.27 -16.92 18.25
C VAL A 355 4.86 -17.48 18.45
N PHE A 356 4.42 -17.50 19.70
CA PHE A 356 3.10 -18.00 20.03
C PHE A 356 2.18 -16.85 20.35
N LEU A 357 1.09 -16.76 19.59
CA LEU A 357 0.18 -15.62 19.69
C LEU A 357 -1.23 -16.11 19.91
N GLY A 358 -1.98 -15.38 20.72
CA GLY A 358 -3.39 -15.65 20.93
C GLY A 358 -4.20 -14.45 20.48
N GLY A 359 -5.50 -14.63 20.32
CA GLY A 359 -6.35 -13.58 19.84
C GLY A 359 -7.76 -13.62 20.38
N GLU A 360 -8.63 -12.80 19.79
CA GLU A 360 -10.04 -12.80 20.15
C GLU A 360 -10.87 -13.64 19.19
N ALA A 361 -10.48 -13.66 17.91
CA ALA A 361 -11.19 -14.46 16.93
C ALA A 361 -10.41 -14.68 15.64
N ILE A 362 -10.82 -15.66 14.85
CA ILE A 362 -10.22 -15.91 13.55
C ILE A 362 -11.30 -15.85 12.48
N PHE A 363 -11.08 -15.03 11.47
CA PHE A 363 -12.07 -14.85 10.42
C PHE A 363 -12.04 -16.00 9.41
N ALA A 364 -13.04 -16.03 8.54
CA ALA A 364 -13.18 -17.11 7.56
C ALA A 364 -12.01 -17.16 6.58
N ASN A 365 -11.49 -15.99 6.22
CA ASN A 365 -10.36 -15.92 5.29
C ASN A 365 -9.03 -16.28 5.95
N GLY A 366 -9.08 -16.62 7.24
CA GLY A 366 -7.92 -17.13 7.95
C GLY A 366 -7.11 -16.11 8.73
N SER A 367 -7.56 -14.86 8.73
CA SER A 367 -6.84 -13.79 9.42
C SER A 367 -7.20 -13.72 10.90
N LEU A 368 -6.25 -13.27 11.72
CA LEU A 368 -6.41 -13.24 13.17
C LEU A 368 -6.82 -11.86 13.66
N HIS A 369 -7.97 -11.81 14.33
CA HIS A 369 -8.44 -10.62 15.00
C HIS A 369 -7.79 -10.62 16.37
N ALA A 370 -6.97 -9.62 16.67
CA ALA A 370 -6.20 -9.71 17.90
C ALA A 370 -6.00 -8.36 18.57
N PRO A 371 -5.57 -8.36 19.84
CA PRO A 371 -5.21 -7.09 20.48
C PRO A 371 -4.17 -6.32 19.65
N SER A 372 -4.33 -5.00 19.61
CA SER A 372 -3.47 -4.13 18.79
C SER A 372 -1.99 -4.39 19.03
N GLY A 373 -1.22 -4.42 17.95
CA GLY A 373 0.22 -4.68 18.02
C GLY A 373 0.60 -6.08 17.59
N THR A 374 -0.38 -6.98 17.57
CA THR A 374 -0.19 -8.38 17.23
C THR A 374 0.33 -8.58 15.80
N ALA A 375 -0.31 -7.90 14.84
CA ALA A 375 0.04 -8.03 13.43
C ALA A 375 1.46 -7.56 13.19
N ASP A 376 1.90 -6.57 13.96
CA ASP A 376 3.26 -6.06 13.87
C ASP A 376 4.28 -7.14 14.23
N VAL A 377 4.04 -7.80 15.36
CA VAL A 377 4.92 -8.87 15.82
C VAL A 377 4.91 -10.04 14.84
N ALA A 378 3.71 -10.36 14.35
CA ALA A 378 3.53 -11.47 13.42
C ALA A 378 4.28 -11.25 12.11
N MET A 379 4.18 -10.04 11.56
CA MET A 379 4.93 -9.71 10.35
C MET A 379 6.42 -9.71 10.60
N ALA A 380 6.83 -9.07 11.69
CA ALA A 380 8.24 -8.98 12.01
C ALA A 380 8.84 -10.38 12.04
N ALA A 381 8.16 -11.28 12.72
CA ALA A 381 8.59 -12.67 12.82
C ALA A 381 8.59 -13.36 11.45
N THR A 382 7.53 -13.12 10.68
CA THR A 382 7.38 -13.76 9.37
C THR A 382 8.48 -13.38 8.38
N ASN A 383 8.81 -12.10 8.33
CA ASN A 383 9.83 -11.62 7.42
C ASN A 383 11.21 -11.75 8.04
N ALA A 384 11.26 -12.12 9.30
CA ALA A 384 12.51 -12.55 9.93
C ALA A 384 12.83 -14.00 9.56
N GLY A 385 11.79 -14.76 9.22
CA GLY A 385 11.93 -16.17 8.93
C GLY A 385 11.55 -17.05 10.12
N ALA A 386 11.06 -16.42 11.17
CA ALA A 386 10.61 -17.15 12.36
C ALA A 386 9.22 -17.76 12.15
N LYS A 387 8.97 -18.91 12.77
CA LYS A 387 7.65 -19.54 12.68
C LYS A 387 6.63 -18.86 13.60
N VAL A 388 5.43 -18.66 13.05
CA VAL A 388 4.35 -18.00 13.78
C VAL A 388 3.16 -18.94 14.02
N ILE A 389 2.94 -19.26 15.30
CA ILE A 389 1.90 -20.18 15.71
C ILE A 389 0.83 -19.46 16.52
N VAL A 390 -0.42 -19.63 16.08
CA VAL A 390 -1.56 -18.99 16.73
C VAL A 390 -2.32 -20.02 17.53
N LEU A 391 -2.69 -19.69 18.76
CA LEU A 391 -3.47 -20.60 19.60
C LEU A 391 -4.90 -20.09 19.73
N CYS A 392 -5.87 -20.94 19.43
CA CYS A 392 -7.25 -20.52 19.39
C CYS A 392 -8.28 -21.65 19.53
N GLU A 393 -9.34 -21.42 20.30
CA GLU A 393 -10.44 -22.37 20.41
C GLU A 393 -11.35 -22.27 19.19
N THR A 394 -12.03 -23.37 18.85
CA THR A 394 -12.88 -23.37 17.67
C THR A 394 -14.08 -22.43 17.79
N ILE A 395 -14.51 -22.12 19.01
CA ILE A 395 -15.61 -21.17 19.19
C ILE A 395 -15.35 -19.83 18.52
N ASN A 396 -14.08 -19.43 18.51
CA ASN A 396 -13.69 -18.12 18.00
C ASN A 396 -13.57 -18.11 16.48
N PHE A 397 -13.82 -19.25 15.85
CA PHE A 397 -13.73 -19.29 14.40
C PHE A 397 -15.02 -18.74 13.85
N ASP A 398 -14.92 -17.69 13.03
CA ASP A 398 -16.07 -17.08 12.39
C ASP A 398 -16.07 -17.46 10.91
N ARG A 399 -16.93 -18.40 10.55
CA ARG A 399 -16.99 -18.92 9.19
C ARG A 399 -17.83 -18.05 8.25
N GLU A 400 -18.60 -17.13 8.83
CA GLU A 400 -19.46 -16.24 8.05
C GLU A 400 -18.78 -14.95 7.57
N ARG A 401 -17.87 -14.40 8.39
CA ARG A 401 -17.29 -13.08 8.12
C ARG A 401 -15.83 -13.11 7.62
N VAL A 402 -15.51 -12.23 6.67
CA VAL A 402 -14.13 -12.10 6.21
C VAL A 402 -13.63 -10.67 6.40
N SER A 403 -12.42 -10.54 6.95
CA SER A 403 -11.82 -9.23 7.15
C SER A 403 -10.48 -9.13 6.44
N VAL A 404 -10.34 -8.12 5.60
CA VAL A 404 -9.08 -7.92 4.89
C VAL A 404 -8.28 -6.74 5.43
N ASP A 405 -8.89 -5.94 6.31
CA ASP A 405 -8.20 -4.84 6.96
C ASP A 405 -8.65 -4.64 8.42
N ALA A 406 -7.86 -3.90 9.19
CA ALA A 406 -8.16 -3.63 10.59
C ALA A 406 -9.38 -2.73 10.78
N LEU A 407 -9.71 -1.93 9.77
CA LEU A 407 -10.85 -1.01 9.85
C LEU A 407 -12.23 -1.68 9.71
N THR A 408 -12.30 -2.83 9.05
CA THR A 408 -13.60 -3.48 8.86
C THR A 408 -14.23 -3.92 10.18
N TYR A 409 -13.44 -4.54 11.05
CA TYR A 409 -13.94 -4.99 12.35
C TYR A 409 -12.98 -4.58 13.45
N ASN A 410 -13.30 -3.52 14.18
CA ASN A 410 -12.41 -3.03 15.24
C ASN A 410 -13.24 -2.35 16.33
N GLU A 411 -12.61 -2.02 17.45
CA GLU A 411 -13.30 -1.31 18.54
C GLU A 411 -12.42 -0.15 19.03
N ILE A 412 -13.02 1.03 19.20
CA ILE A 412 -12.28 2.21 19.66
C ILE A 412 -12.14 2.28 21.19
N ASP A 413 -10.97 2.72 21.66
CA ASP A 413 -10.74 2.95 23.07
C ASP A 413 -11.58 4.12 23.57
N PRO A 414 -12.42 3.88 24.59
CA PRO A 414 -13.33 4.88 25.17
C PRO A 414 -12.62 6.12 25.67
N GLU A 415 -11.40 5.97 26.18
CA GLU A 415 -10.61 7.12 26.66
C GLU A 415 -9.89 7.82 25.51
N ARG A 416 -9.54 7.06 24.47
CA ARG A 416 -8.78 7.60 23.34
C ARG A 416 -9.67 7.82 22.13
N ASN A 417 -10.94 8.12 22.37
CA ASN A 417 -11.86 8.45 21.29
C ASN A 417 -11.44 9.71 20.53
N THR A 418 -10.93 10.69 21.25
CA THR A 418 -10.61 12.01 20.71
C THR A 418 -9.51 12.01 19.63
N GLY A 419 -9.55 13.03 18.77
CA GLY A 419 -8.56 13.21 17.73
C GLY A 419 -7.18 13.56 18.28
N ASP A 420 -7.17 14.24 19.41
CA ASP A 420 -5.94 14.64 20.09
C ASP A 420 -5.17 13.42 20.55
N CYS A 421 -5.88 12.43 21.07
CA CYS A 421 -5.30 11.17 21.50
C CYS A 421 -6.18 10.00 21.04
N PHE A 422 -5.72 9.22 20.08
CA PHE A 422 -6.56 8.18 19.48
C PHE A 422 -5.96 6.77 19.53
N ARG A 423 -6.80 5.78 19.84
CA ARG A 423 -6.34 4.39 19.91
C ARG A 423 -7.41 3.36 19.53
N LEU A 424 -7.00 2.33 18.79
CA LEU A 424 -7.87 1.20 18.46
C LEU A 424 -7.44 -0.03 19.24
N LEU A 425 -8.40 -0.78 19.76
CA LEU A 425 -8.11 -1.93 20.60
C LEU A 425 -7.51 -3.10 19.84
N PHE A 426 -7.97 -3.32 18.61
CA PHE A 426 -7.59 -4.51 17.87
C PHE A 426 -6.90 -4.20 16.55
N ASP A 427 -6.18 -5.20 16.04
CA ASP A 427 -5.66 -5.17 14.68
C ASP A 427 -5.81 -6.53 14.02
N ASN A 428 -5.68 -6.52 12.69
CA ASN A 428 -5.89 -7.69 11.87
C ASN A 428 -4.56 -8.27 11.35
N THR A 429 -4.37 -9.55 11.59
CA THR A 429 -3.16 -10.23 11.14
C THR A 429 -3.47 -11.15 9.95
N HIS A 430 -2.95 -10.82 8.78
CA HIS A 430 -3.21 -11.59 7.57
C HIS A 430 -2.63 -12.98 7.72
N GLU A 431 -3.20 -13.96 7.03
CA GLU A 431 -2.69 -15.32 7.07
C GLU A 431 -1.25 -15.41 6.55
N ARG A 432 -0.84 -14.44 5.74
CA ARG A 432 0.56 -14.33 5.27
C ARG A 432 1.54 -14.43 6.43
N TYR A 433 1.12 -13.93 7.58
CA TYR A 433 1.99 -13.83 8.73
C TYR A 433 1.76 -14.96 9.72
N ILE A 434 0.86 -15.89 9.37
CA ILE A 434 0.61 -17.01 10.27
C ILE A 434 1.15 -18.30 9.68
N THR A 435 2.02 -18.98 10.42
CA THR A 435 2.59 -20.24 9.97
C THR A 435 1.59 -21.36 10.20
N GLY A 436 1.02 -21.40 11.40
CA GLY A 436 0.04 -22.42 11.69
C GLY A 436 -0.92 -22.04 12.80
N VAL A 437 -2.06 -22.73 12.83
CA VAL A 437 -3.03 -22.52 13.89
C VAL A 437 -3.26 -23.81 14.66
N ILE A 438 -3.18 -23.73 15.98
CA ILE A 438 -3.41 -24.87 16.85
C ILE A 438 -4.72 -24.71 17.58
N THR A 439 -5.59 -25.71 17.47
CA THR A 439 -6.91 -25.66 18.08
C THR A 439 -7.16 -26.92 18.88
N GLU A 440 -8.32 -26.96 19.52
CA GLU A 440 -8.77 -28.08 20.31
C GLU A 440 -8.95 -29.35 19.48
N ILE A 441 -9.18 -29.18 18.17
CA ILE A 441 -9.46 -30.32 17.30
C ILE A 441 -8.20 -31.12 16.94
N GLU A 442 -8.08 -32.30 17.53
CA GLU A 442 -6.87 -33.09 17.41
C GLU A 442 -6.84 -33.93 16.13
N PHE A 443 -8.01 -34.32 15.66
CA PHE A 443 -8.10 -35.19 14.48
C PHE A 443 -9.11 -34.64 13.47
N PRO B 10 23.81 22.81 33.00
CA PRO B 10 22.35 22.90 33.00
C PRO B 10 21.80 23.32 31.64
N SER B 11 21.50 24.61 31.47
CA SER B 11 20.97 25.11 30.21
C SER B 11 22.02 24.92 29.12
N LEU B 12 21.58 24.52 27.93
CA LEU B 12 22.52 24.32 26.83
C LEU B 12 23.15 25.66 26.50
N ALA B 13 22.33 26.70 26.47
CA ALA B 13 22.81 28.03 26.18
C ALA B 13 23.79 28.51 27.23
N THR B 14 23.49 28.22 28.49
CA THR B 14 24.34 28.63 29.59
C THR B 14 25.71 27.97 29.45
N TRP B 15 25.72 26.70 29.11
CA TRP B 15 26.98 26.00 28.94
C TRP B 15 27.74 26.75 27.88
N THR B 16 27.00 27.31 26.94
CA THR B 16 27.60 28.06 25.85
C THR B 16 28.34 29.30 26.38
N LYS B 17 27.72 29.99 27.33
CA LYS B 17 28.34 31.18 27.92
C LYS B 17 29.63 30.83 28.64
N SER B 18 29.61 29.72 29.36
CA SER B 18 30.77 29.26 30.11
C SER B 18 31.90 28.94 29.14
N LEU B 19 31.51 28.35 28.02
CA LEU B 19 32.46 27.97 26.99
C LEU B 19 33.13 29.22 26.48
N ARG B 20 32.35 30.27 26.26
CA ARG B 20 32.97 31.52 25.80
C ARG B 20 33.93 32.10 26.86
N ASP B 21 33.50 32.09 28.13
CA ASP B 21 34.31 32.62 29.22
C ASP B 21 34.90 31.56 30.17
N GLN B 22 34.58 30.30 29.92
CA GLN B 22 35.01 29.16 30.72
C GLN B 22 36.29 28.46 30.27
N SER B 23 36.93 27.78 31.22
CA SER B 23 38.15 27.04 30.97
C SER B 23 37.84 25.90 30.02
N LEU B 24 38.80 25.56 29.15
CA LEU B 24 38.58 24.52 28.17
C LEU B 24 38.28 23.14 28.77
N GLU B 25 39.03 22.75 29.79
CA GLU B 25 38.83 21.46 30.44
C GLU B 25 37.49 21.37 31.14
N ALA B 26 37.11 22.45 31.79
CA ALA B 26 35.87 22.55 32.56
C ALA B 26 34.70 22.48 31.59
N SER B 27 34.85 23.15 30.46
CA SER B 27 33.83 23.15 29.43
C SER B 27 33.74 21.77 28.76
N ILE B 28 34.87 21.10 28.61
CA ILE B 28 34.90 19.77 28.01
C ILE B 28 34.08 18.76 28.80
N GLU B 29 34.35 18.67 30.10
CA GLU B 29 33.63 17.68 30.91
C GLU B 29 32.27 18.21 31.37
N SER B 30 32.02 19.51 31.19
CA SER B 30 30.65 19.96 31.38
C SER B 30 29.83 19.56 30.17
N LEU B 31 30.42 19.60 28.99
CA LEU B 31 29.72 19.11 27.81
C LEU B 31 29.56 17.60 27.92
N ILE B 32 30.53 16.94 28.55
CA ILE B 32 30.44 15.49 28.72
C ILE B 32 29.30 15.10 29.65
N PHE B 33 29.23 15.74 30.82
CA PHE B 33 28.12 15.52 31.75
C PHE B 33 26.80 15.80 31.03
N LEU B 34 26.81 16.85 30.23
CA LEU B 34 25.63 17.20 29.46
C LEU B 34 25.23 16.12 28.43
N LEU B 35 26.21 15.49 27.77
CA LEU B 35 25.91 14.40 26.85
C LEU B 35 25.38 13.16 27.55
N LYS B 36 25.97 12.82 28.68
CA LYS B 36 25.54 11.64 29.44
C LYS B 36 24.13 11.81 29.99
N ARG B 37 23.79 13.03 30.40
CA ARG B 37 22.43 13.31 30.87
C ARG B 37 21.37 13.11 29.78
N ARG B 38 21.78 13.28 28.52
CA ARG B 38 20.92 13.07 27.33
C ARG B 38 19.96 14.22 27.12
N GLN B 39 20.24 15.33 27.79
CA GLN B 39 19.48 16.55 27.56
C GLN B 39 19.78 17.11 26.18
N VAL B 40 20.98 16.91 25.64
CA VAL B 40 21.30 17.45 24.31
C VAL B 40 20.68 16.55 23.26
N THR B 41 20.01 17.13 22.27
CA THR B 41 19.34 16.29 21.28
C THR B 41 19.83 16.53 19.85
N GLY B 42 20.17 15.44 19.16
CA GLY B 42 20.38 15.47 17.73
C GLY B 42 21.44 16.43 17.20
N ASP B 43 21.02 17.21 16.21
CA ASP B 43 21.91 18.15 15.52
C ASP B 43 22.58 19.16 16.45
N GLU B 44 21.88 19.60 17.49
CA GLU B 44 22.47 20.55 18.43
C GLU B 44 23.76 19.97 18.97
N CYS B 45 23.73 18.68 19.26
CA CYS B 45 24.89 17.99 19.79
C CYS B 45 26.08 18.23 18.86
N ALA B 46 25.85 18.02 17.58
CA ALA B 46 26.89 18.18 16.58
C ALA B 46 27.45 19.59 16.65
N GLY B 47 26.54 20.56 16.69
CA GLY B 47 26.96 21.94 16.69
C GLY B 47 27.80 22.20 17.92
N ALA B 48 27.35 21.67 19.06
CA ALA B 48 28.07 21.90 20.31
C ALA B 48 29.48 21.37 20.15
N ILE B 49 29.59 20.17 19.57
CA ILE B 49 30.90 19.55 19.38
C ILE B 49 31.78 20.51 18.59
N ALA B 50 31.23 21.04 17.51
CA ALA B 50 31.97 21.94 16.66
C ALA B 50 32.47 23.12 17.48
N GLN B 51 31.56 23.71 18.26
CA GLN B 51 31.94 24.88 19.02
C GLN B 51 33.09 24.50 19.93
N LEU B 52 32.93 23.38 20.62
CA LEU B 52 33.93 22.95 21.57
C LEU B 52 35.25 22.74 20.86
N LEU B 53 35.19 22.11 19.69
CA LEU B 53 36.43 21.79 18.99
C LEU B 53 37.08 23.09 18.56
N ARG B 54 36.27 24.08 18.20
CA ARG B 54 36.81 25.36 17.83
C ARG B 54 37.58 25.93 19.01
N GLN B 55 36.96 25.84 20.19
CA GLN B 55 37.59 26.40 21.37
C GLN B 55 38.82 25.60 21.70
N VAL B 56 38.79 24.30 21.37
CA VAL B 56 39.96 23.49 21.55
C VAL B 56 41.05 24.14 20.75
N VAL B 57 40.83 24.32 19.44
CA VAL B 57 41.85 24.87 18.57
C VAL B 57 42.36 26.21 19.12
N ALA B 58 41.46 26.97 19.74
CA ALA B 58 41.83 28.30 20.22
C ALA B 58 42.84 28.22 21.37
N LYS B 59 42.57 27.33 22.31
CA LYS B 59 43.38 27.23 23.52
C LYS B 59 44.21 25.94 23.58
N SER B 60 44.18 25.14 22.52
CA SER B 60 44.73 23.77 22.53
C SER B 60 46.22 23.48 22.46
N LYS B 61 46.99 24.08 23.37
CA LYS B 61 48.34 23.64 23.70
C LYS B 61 49.15 23.11 22.51
N TRP B 62 49.46 23.94 21.50
CA TRP B 62 50.12 23.39 20.31
C TRP B 62 51.15 24.30 19.62
N HIS B 63 52.23 23.72 19.09
CA HIS B 63 53.20 24.49 18.32
C HIS B 63 53.43 23.95 16.89
N ASP B 64 52.79 22.83 16.56
CA ASP B 64 52.73 22.35 15.17
C ASP B 64 51.44 21.56 14.94
N VAL B 65 51.15 21.27 13.68
CA VAL B 65 49.91 20.57 13.32
C VAL B 65 49.68 19.28 14.11
N ASP B 66 50.76 18.56 14.41
CA ASP B 66 50.63 17.24 15.04
C ASP B 66 50.01 17.23 16.45
N GLN B 67 50.26 18.21 17.32
CA GLN B 67 49.53 18.18 18.58
C GLN B 67 48.15 18.81 18.40
N LEU B 68 47.94 19.62 17.36
CA LEU B 68 46.61 20.16 17.17
C LEU B 68 45.74 18.94 16.94
N LEU B 69 46.22 18.09 16.03
CA LEU B 69 45.58 16.83 15.74
C LEU B 69 45.48 15.97 16.99
N TYR B 70 46.53 15.98 17.83
CA TYR B 70 46.54 15.14 19.03
C TYR B 70 45.47 15.49 20.04
N ARG B 71 45.27 16.80 20.26
CA ARG B 71 44.32 17.28 21.27
C ARG B 71 42.89 17.29 20.72
N VAL B 72 42.75 17.56 19.43
CA VAL B 72 41.44 17.49 18.82
C VAL B 72 40.99 16.02 18.81
N GLN B 73 41.93 15.10 18.62
CA GLN B 73 41.58 13.69 18.68
C GLN B 73 41.40 13.20 20.12
N THR B 74 42.14 13.76 21.06
CA THR B 74 41.97 13.34 22.46
C THR B 74 40.62 13.79 22.98
N ALA B 75 40.32 15.06 22.77
CA ALA B 75 39.05 15.64 23.19
C ALA B 75 37.93 14.93 22.48
N GLY B 76 38.04 14.84 21.16
CA GLY B 76 37.02 14.20 20.34
C GLY B 76 36.77 12.77 20.77
N ALA B 77 37.84 12.08 21.16
CA ALA B 77 37.71 10.72 21.66
C ALA B 77 36.89 10.74 22.93
N ARG B 78 37.17 11.69 23.81
CA ARG B 78 36.43 11.78 25.06
C ARG B 78 34.94 12.07 24.85
N LEU B 79 34.62 12.92 23.88
CA LEU B 79 33.21 13.20 23.59
C LEU B 79 32.53 12.03 22.88
N ALA B 80 33.29 11.32 22.07
CA ALA B 80 32.77 10.15 21.36
C ALA B 80 32.43 9.06 22.37
N ARG B 81 33.33 8.87 23.33
CA ARG B 81 33.12 7.89 24.39
C ARG B 81 31.98 8.33 25.30
N ALA B 82 31.84 9.64 25.47
CA ALA B 82 30.78 10.20 26.31
C ALA B 82 29.38 9.81 25.86
N ALA B 83 29.13 9.95 24.57
CA ALA B 83 27.82 9.67 24.00
C ALA B 83 27.92 8.73 22.80
N PRO B 84 27.94 7.42 23.07
CA PRO B 84 28.00 6.42 21.99
C PRO B 84 26.74 6.44 21.11
N HIS B 85 25.60 6.82 21.67
CA HIS B 85 24.35 6.88 20.92
C HIS B 85 24.38 7.91 19.79
N GLU B 86 25.11 9.01 19.97
CA GLU B 86 25.29 9.97 18.87
C GLU B 86 26.65 9.81 18.19
N PRO B 87 26.63 9.27 16.96
CA PRO B 87 27.86 9.04 16.20
C PRO B 87 28.20 10.27 15.36
N VAL B 88 27.32 11.26 15.38
CA VAL B 88 27.54 12.50 14.66
C VAL B 88 28.80 13.19 15.21
N ILE B 89 29.05 12.96 16.50
CA ILE B 89 30.20 13.50 17.20
C ILE B 89 31.50 13.13 16.49
N GLY B 90 31.64 11.84 16.22
CA GLY B 90 32.80 11.31 15.54
C GLY B 90 32.98 11.96 14.18
N ASN B 91 31.87 12.08 13.45
CA ASN B 91 31.88 12.70 12.13
C ASN B 91 32.39 14.14 12.15
N ILE B 92 31.86 14.93 13.07
CA ILE B 92 32.28 16.31 13.23
C ILE B 92 33.78 16.35 13.53
N VAL B 93 34.21 15.53 14.49
CA VAL B 93 35.63 15.47 14.86
C VAL B 93 36.51 15.16 13.65
N ARG B 94 36.10 14.16 12.88
CA ARG B 94 36.87 13.70 11.74
C ARG B 94 36.95 14.76 10.65
N ARG B 95 35.87 15.54 10.50
CA ARG B 95 35.92 16.62 9.52
C ARG B 95 36.86 17.72 10.01
N VAL B 96 36.80 18.04 11.30
CA VAL B 96 37.71 19.05 11.87
C VAL B 96 39.17 18.68 11.65
N LEU B 97 39.48 17.41 11.89
CA LEU B 97 40.81 16.91 11.63
C LEU B 97 41.18 17.12 10.15
N GLY B 98 40.30 16.67 9.25
CA GLY B 98 40.58 16.81 7.82
C GLY B 98 40.84 18.25 7.43
N LEU B 99 40.01 19.13 7.97
CA LEU B 99 40.12 20.57 7.79
C LEU B 99 41.50 21.06 8.15
N ILE B 100 41.95 20.66 9.35
CA ILE B 100 43.29 21.00 9.80
C ILE B 100 44.37 20.53 8.82
N ARG B 101 44.30 19.28 8.37
CA ARG B 101 45.42 18.75 7.59
C ARG B 101 45.44 19.17 6.12
N ASP B 102 44.32 19.61 5.58
CA ASP B 102 44.31 20.17 4.23
C ASP B 102 44.61 21.66 4.18
N GLU B 103 44.60 22.33 5.32
CA GLU B 103 45.12 23.68 5.37
C GLU B 103 46.38 23.74 6.21
N ALA B 104 47.05 22.59 6.31
CA ALA B 104 48.38 22.51 6.89
C ALA B 104 49.42 22.93 5.86
N SER B 105 49.09 22.71 4.60
CA SER B 105 49.94 23.11 3.49
C SER B 105 49.11 23.41 2.24
N PRO B 179 55.75 27.58 5.97
CA PRO B 179 56.51 28.82 6.13
C PRO B 179 55.65 29.88 6.79
N PHE B 180 54.71 29.46 7.63
CA PHE B 180 53.82 30.39 8.31
C PHE B 180 53.65 30.10 9.78
N SER B 181 53.30 31.13 10.53
CA SER B 181 53.07 31.03 11.97
C SER B 181 51.79 30.26 12.23
N VAL B 182 51.69 29.66 13.41
CA VAL B 182 50.51 28.90 13.77
C VAL B 182 49.29 29.81 13.76
N HIS B 183 49.47 31.03 14.26
CA HIS B 183 48.40 32.01 14.30
C HIS B 183 47.63 32.04 12.99
N ALA B 184 48.36 31.94 11.88
CA ALA B 184 47.74 31.94 10.57
C ALA B 184 46.88 30.70 10.42
N LEU B 185 47.40 29.57 10.89
CA LEU B 185 46.70 28.30 10.82
C LEU B 185 45.51 28.24 11.76
N ARG B 186 45.70 28.75 12.98
CA ARG B 186 44.65 28.73 13.98
C ARG B 186 43.41 29.55 13.61
N SER B 187 43.63 30.71 13.02
CA SER B 187 42.51 31.57 12.64
C SER B 187 41.78 31.02 11.42
N GLU B 188 42.49 30.29 10.58
CA GLU B 188 41.92 29.70 9.37
C GLU B 188 41.14 28.42 9.70
N VAL B 189 41.71 27.61 10.60
CA VAL B 189 41.02 26.42 11.09
C VAL B 189 39.77 26.81 11.86
N MET B 190 39.90 27.84 12.70
CA MET B 190 38.77 28.29 13.49
C MET B 190 37.65 28.79 12.59
N ASP B 191 37.95 29.60 11.57
CA ASP B 191 36.86 30.07 10.71
C ASP B 191 36.29 28.95 9.83
N GLY B 192 37.12 27.95 9.53
CA GLY B 192 36.60 26.77 8.87
C GLY B 192 35.56 26.08 9.74
N ILE B 193 35.86 25.97 11.03
CA ILE B 193 34.92 25.37 11.97
C ILE B 193 33.64 26.20 12.09
N GLU B 194 33.75 27.53 12.03
CA GLU B 194 32.54 28.37 12.02
C GLU B 194 31.68 28.08 10.80
N GLU B 195 32.29 27.86 9.64
CA GLU B 195 31.48 27.47 8.48
C GLU B 195 30.87 26.06 8.64
N ILE B 196 31.57 25.17 9.37
CA ILE B 196 31.00 23.87 9.70
C ILE B 196 29.73 24.10 10.50
N LEU B 197 29.84 25.03 11.43
CA LEU B 197 28.80 25.33 12.39
C LEU B 197 27.57 25.91 11.70
N ASP B 198 27.76 26.85 10.79
CA ASP B 198 26.57 27.46 10.18
C ASP B 198 25.94 26.54 9.13
N GLU B 199 26.77 25.70 8.47
CA GLU B 199 26.20 24.64 7.61
C GLU B 199 25.29 23.73 8.45
N ILE B 200 25.77 23.35 9.63
CA ILE B 200 24.98 22.58 10.58
C ILE B 200 23.69 23.31 10.90
N ASN B 201 23.79 24.63 11.07
CA ASN B 201 22.63 25.41 11.47
C ASN B 201 21.54 25.63 10.42
N GLN B 202 21.89 25.71 9.12
CA GLN B 202 20.81 25.81 8.09
C GLN B 202 20.55 24.52 7.30
N ALA B 203 21.14 23.41 7.75
CA ALA B 203 20.83 22.11 7.17
C ALA B 203 19.30 21.83 7.16
N ASP B 204 18.62 22.17 8.25
CA ASP B 204 17.17 21.95 8.36
C ASP B 204 16.37 22.69 7.29
N ASP B 205 16.64 23.98 7.08
CA ASP B 205 15.89 24.75 6.08
C ASP B 205 16.21 24.27 4.68
N GLN B 206 17.48 23.92 4.48
CA GLN B 206 17.89 23.38 3.18
C GLN B 206 17.17 22.08 2.87
N ILE B 207 16.99 21.23 3.88
CA ILE B 207 16.25 19.99 3.71
C ILE B 207 14.77 20.28 3.45
N ALA B 208 14.22 21.19 4.23
CA ALA B 208 12.80 21.55 4.14
C ALA B 208 12.44 22.16 2.79
N SER B 209 13.43 22.70 2.06
CA SER B 209 13.15 23.24 0.74
C SER B 209 12.69 22.15 -0.24
N PHE B 210 12.98 20.89 0.08
CA PHE B 210 12.57 19.76 -0.76
C PHE B 210 11.22 19.16 -0.32
N ALA B 211 10.69 19.66 0.79
CA ALA B 211 9.45 19.14 1.36
C ALA B 211 8.26 19.32 0.43
N GLU B 212 8.17 20.46 -0.23
CA GLU B 212 7.05 20.74 -1.12
C GLU B 212 7.06 19.76 -2.29
N ILE B 213 8.26 19.36 -2.71
CA ILE B 213 8.40 18.39 -3.79
C ILE B 213 8.02 16.99 -3.34
N GLN B 214 8.49 16.58 -2.16
CA GLN B 214 8.22 15.21 -1.69
C GLN B 214 6.78 15.00 -1.19
N ILE B 215 6.14 16.04 -0.67
CA ILE B 215 4.77 15.93 -0.18
C ILE B 215 3.76 16.55 -1.17
N HIS B 216 2.68 15.81 -1.43
CA HIS B 216 1.69 16.20 -2.43
C HIS B 216 0.38 16.63 -1.77
N PRO B 217 -0.48 17.34 -2.52
CA PRO B 217 -1.81 17.68 -1.98
C PRO B 217 -2.62 16.43 -1.67
N GLY B 218 -3.22 16.38 -0.48
CA GLY B 218 -4.05 15.26 -0.10
C GLY B 218 -3.26 14.07 0.39
N ASP B 219 -1.96 14.24 0.55
CA ASP B 219 -1.08 13.18 1.01
C ASP B 219 -1.36 12.79 2.46
N TYR B 220 -1.06 11.55 2.80
CA TYR B 220 -1.10 11.10 4.18
C TYR B 220 0.31 10.73 4.64
N VAL B 221 0.79 11.49 5.62
CA VAL B 221 2.17 11.40 6.08
C VAL B 221 2.25 10.91 7.51
N LEU B 222 2.89 9.76 7.68
CA LEU B 222 3.17 9.23 9.00
C LEU B 222 4.51 9.78 9.48
N ALA B 223 4.47 10.76 10.37
CA ALA B 223 5.69 11.31 10.94
C ALA B 223 5.96 10.61 12.25
N TYR B 224 7.03 9.82 12.30
CA TYR B 224 7.24 9.07 13.54
C TYR B 224 8.20 9.78 14.47
N GLN B 225 7.71 10.07 15.68
CA GLN B 225 8.49 10.73 16.72
C GLN B 225 9.33 11.88 16.18
N PRO B 226 8.66 12.88 15.58
CA PRO B 226 9.32 13.91 14.78
C PRO B 226 10.36 14.74 15.52
N SER B 227 11.60 14.71 15.04
CA SER B 227 12.63 15.61 15.52
C SER B 227 12.37 16.96 14.88
N LYS B 228 12.93 18.04 15.42
CA LYS B 228 12.62 19.39 14.93
C LYS B 228 13.00 19.58 13.46
N THR B 229 13.95 18.79 12.98
CA THR B 229 14.24 18.70 11.56
C THR B 229 12.97 18.29 10.81
N VAL B 230 12.35 17.21 11.29
CA VAL B 230 11.12 16.71 10.69
C VAL B 230 10.02 17.75 10.84
N GLU B 231 9.96 18.41 12.00
CA GLU B 231 8.90 19.38 12.22
C GLU B 231 9.00 20.59 11.30
N ARG B 232 10.19 21.10 10.98
CA ARG B 232 10.16 22.21 10.03
C ARG B 232 9.99 21.69 8.62
N PHE B 233 10.39 20.44 8.39
CA PHE B 233 10.11 19.81 7.11
C PHE B 233 8.60 19.89 6.87
N LEU B 234 7.85 19.45 7.88
CA LEU B 234 6.40 19.44 7.84
C LEU B 234 5.77 20.84 7.84
N VAL B 235 6.38 21.76 8.57
CA VAL B 235 5.84 23.13 8.66
C VAL B 235 5.97 23.86 7.33
N LYS B 236 7.11 23.69 6.64
CA LYS B 236 7.26 24.42 5.39
C LYS B 236 6.66 23.60 4.26
N ALA B 237 6.40 22.33 4.52
CA ALA B 237 5.54 21.55 3.64
C ALA B 237 4.12 22.11 3.71
N ALA B 238 3.68 22.44 4.92
CA ALA B 238 2.33 22.92 5.15
C ALA B 238 2.06 24.25 4.45
N SER B 239 3.08 25.08 4.34
CA SER B 239 2.91 26.41 3.76
C SER B 239 2.47 26.37 2.29
N LYS B 240 2.91 25.37 1.56
CA LYS B 240 2.62 25.30 0.11
C LYS B 240 1.82 24.05 -0.27
N ARG B 241 1.40 23.28 0.73
CA ARG B 241 0.59 22.08 0.47
C ARG B 241 -0.51 21.85 1.50
N ARG B 242 -1.58 21.17 1.09
CA ARG B 242 -2.61 20.71 2.01
C ARG B 242 -2.53 19.20 2.17
N PHE B 243 -2.27 18.73 3.38
CA PHE B 243 -2.13 17.31 3.64
C PHE B 243 -2.42 16.94 5.09
N THR B 244 -2.32 15.66 5.40
CA THR B 244 -2.64 15.18 6.73
C THR B 244 -1.42 14.54 7.36
N VAL B 245 -1.15 14.88 8.62
CA VAL B 245 -0.03 14.26 9.33
C VAL B 245 -0.53 13.33 10.41
N ILE B 246 0.03 12.13 10.44
CA ILE B 246 -0.28 11.17 11.48
C ILE B 246 0.92 10.99 12.42
N LEU B 247 0.73 11.36 13.68
CA LEU B 247 1.81 11.37 14.66
C LEU B 247 1.82 10.12 15.49
N ALA B 248 2.92 9.37 15.39
CA ALA B 248 3.06 8.14 16.14
C ALA B 248 4.21 8.27 17.14
N SER B 249 3.97 7.81 18.36
CA SER B 249 5.02 7.79 19.38
C SER B 249 5.12 6.38 19.98
N LEU B 250 6.33 6.02 20.39
CA LEU B 250 6.63 4.68 20.88
C LEU B 250 5.95 4.39 22.24
N ASN B 251 6.04 5.33 23.16
CA ASN B 251 5.48 5.16 24.50
C ASN B 251 4.38 6.16 24.83
N PRO B 252 3.51 5.82 25.79
CA PRO B 252 2.47 6.75 26.22
C PRO B 252 3.09 7.92 26.98
N PRO B 253 2.38 9.06 27.02
CA PRO B 253 2.86 10.21 27.77
C PRO B 253 3.00 9.88 29.25
N ALA B 254 4.06 10.39 29.88
CA ALA B 254 4.31 10.14 31.29
C ALA B 254 3.19 10.74 32.13
N PRO B 255 2.81 10.06 33.23
CA PRO B 255 1.71 10.51 34.08
C PRO B 255 1.96 11.88 34.70
N GLY B 256 3.24 12.22 34.89
CA GLY B 256 3.60 13.49 35.46
C GLY B 256 3.34 14.65 34.52
N GLU B 257 3.62 14.46 33.24
CA GLU B 257 3.43 15.50 32.24
C GLU B 257 1.97 15.95 32.15
N GLU B 258 1.04 15.00 32.24
CA GLU B 258 -0.39 15.28 32.22
C GLU B 258 -0.79 16.11 31.01
N GLU B 259 -0.03 15.94 29.94
CA GLU B 259 -0.23 16.65 28.69
C GLU B 259 0.10 15.69 27.55
N GLN B 260 -0.75 15.65 26.52
CA GLN B 260 -0.50 14.77 25.38
C GLN B 260 0.46 15.48 24.41
N PRO B 261 1.19 14.72 23.57
CA PRO B 261 2.39 15.27 22.92
C PRO B 261 2.21 16.00 21.58
N TYR B 262 3.26 16.74 21.23
CA TYR B 262 3.37 17.48 19.97
C TYR B 262 2.29 18.55 19.84
N ALA B 263 1.88 19.13 20.96
CA ALA B 263 0.83 20.14 20.97
C ALA B 263 1.26 21.34 20.12
N ALA B 264 2.51 21.75 20.31
CA ALA B 264 3.06 22.88 19.56
C ALA B 264 3.08 22.56 18.07
N LEU B 265 3.59 21.38 17.73
CA LEU B 265 3.67 20.96 16.34
C LEU B 265 2.26 20.88 15.76
N ARG B 266 1.34 20.34 16.53
CA ARG B 266 -0.03 20.14 16.08
C ARG B 266 -0.78 21.45 15.84
N LYS B 267 -0.46 22.49 16.61
CA LYS B 267 -1.18 23.76 16.45
C LYS B 267 -0.53 24.59 15.34
N LYS B 268 0.80 24.52 15.21
CA LYS B 268 1.40 25.22 14.08
C LYS B 268 1.00 24.53 12.78
N LEU B 269 0.75 23.21 12.85
CA LEU B 269 0.24 22.52 11.68
C LEU B 269 -1.24 22.84 11.38
N ASN B 270 -2.09 22.89 12.40
CA ASN B 270 -3.51 23.19 12.19
C ASN B 270 -3.73 24.61 11.70
N ALA B 271 -2.87 25.53 12.16
CA ALA B 271 -2.91 26.91 11.71
C ALA B 271 -2.71 26.99 10.20
N ALA B 272 -1.78 26.19 9.70
CA ALA B 272 -1.49 26.14 8.27
C ALA B 272 -2.57 25.40 7.48
N GLY B 273 -3.51 24.79 8.19
CA GLY B 273 -4.62 24.10 7.54
C GLY B 273 -4.39 22.61 7.39
N VAL B 274 -3.33 22.12 8.04
CA VAL B 274 -2.98 20.71 7.99
C VAL B 274 -3.69 19.89 9.09
N SER B 275 -4.37 18.84 8.65
CA SER B 275 -5.07 17.94 9.56
C SER B 275 -4.09 17.02 10.28
N THR B 276 -4.29 16.84 11.57
CA THR B 276 -3.39 16.01 12.38
C THR B 276 -4.12 14.97 13.21
N ILE B 277 -3.59 13.75 13.22
CA ILE B 277 -4.11 12.70 14.10
C ILE B 277 -2.98 12.13 14.93
N ASN B 278 -3.15 12.17 16.25
CA ASN B 278 -2.10 11.70 17.15
C ASN B 278 -2.44 10.31 17.68
N LEU B 279 -1.61 9.33 17.32
CA LEU B 279 -1.84 7.94 17.70
C LEU B 279 -1.26 7.53 19.04
N ALA B 280 -2.15 7.06 19.91
CA ALA B 280 -1.74 6.49 21.18
C ALA B 280 -1.60 4.98 21.02
N SER B 281 -1.17 4.57 19.83
CA SER B 281 -0.97 3.16 19.53
C SER B 281 0.50 2.76 19.44
N ASN B 282 0.81 1.63 20.07
CA ASN B 282 2.07 0.94 19.84
C ASN B 282 1.81 -0.17 18.84
N GLY B 283 2.51 -0.13 17.71
CA GLY B 283 2.16 -0.99 16.60
C GLY B 283 1.31 -0.24 15.61
N LEU B 284 1.82 -0.09 14.39
CA LEU B 284 1.21 0.81 13.41
C LEU B 284 0.65 0.04 12.23
N MET B 285 0.66 -1.29 12.34
CA MET B 285 0.23 -2.15 11.25
C MET B 285 -1.22 -1.89 10.85
N ALA B 286 -2.05 -1.56 11.83
CA ALA B 286 -3.46 -1.31 11.58
C ALA B 286 -3.64 -0.06 10.71
N TYR B 287 -2.78 0.93 10.92
CA TYR B 287 -2.97 2.24 10.28
C TYR B 287 -2.14 2.48 9.00
N ILE B 288 -1.09 1.68 8.78
CA ILE B 288 -0.20 1.89 7.64
C ILE B 288 -0.82 1.88 6.23
N PRO B 289 -1.75 0.94 5.93
CA PRO B 289 -2.28 0.94 4.58
C PRO B 289 -2.96 2.25 4.17
N ARG B 290 -3.46 2.96 5.18
CA ARG B 290 -4.16 4.21 4.96
C ARG B 290 -3.23 5.41 4.67
N VAL B 291 -2.01 5.37 5.22
CA VAL B 291 -1.03 6.43 4.97
C VAL B 291 -0.33 6.29 3.62
N ASN B 292 0.18 7.40 3.09
CA ASN B 292 0.87 7.33 1.81
C ASN B 292 2.38 7.26 1.95
N LYS B 293 2.93 7.83 3.02
CA LYS B 293 4.38 7.77 3.18
C LYS B 293 4.84 7.95 4.63
N VAL B 294 6.04 7.46 4.93
CA VAL B 294 6.56 7.54 6.29
C VAL B 294 7.79 8.44 6.33
N ILE B 295 7.84 9.34 7.32
CA ILE B 295 8.96 10.25 7.49
C ILE B 295 9.51 10.24 8.92
N PHE B 296 10.82 10.07 9.03
CA PHE B 296 11.48 10.24 10.33
C PHE B 296 12.89 10.78 10.22
N GLY B 297 13.38 11.39 11.29
CA GLY B 297 14.75 11.84 11.35
C GLY B 297 15.69 10.71 11.72
N ALA B 298 16.91 10.76 11.20
CA ALA B 298 17.92 9.77 11.53
C ALA B 298 19.03 10.36 12.37
N LYS B 299 19.51 9.61 13.36
CA LYS B 299 20.62 10.05 14.19
C LYS B 299 21.95 9.84 13.48
N ALA B 300 21.98 8.85 12.59
CA ALA B 300 23.19 8.50 11.86
C ALA B 300 22.87 7.72 10.60
N VAL B 301 23.74 7.85 9.60
CA VAL B 301 23.63 7.07 8.37
C VAL B 301 24.96 6.39 8.11
N TYR B 302 24.95 5.08 7.88
CA TYR B 302 26.19 4.35 7.70
C TYR B 302 26.50 4.16 6.21
N GLN B 303 27.71 3.67 5.94
CA GLN B 303 28.15 3.52 4.56
C GLN B 303 27.26 2.53 3.81
N ASN B 304 26.84 1.45 4.48
CA ASN B 304 25.99 0.43 3.88
C ASN B 304 24.56 0.90 3.58
N GLY B 305 24.18 2.04 4.14
CA GLY B 305 22.85 2.59 3.97
C GLY B 305 21.97 2.40 5.20
N GLY B 306 22.55 1.83 6.25
CA GLY B 306 21.82 1.61 7.48
C GLY B 306 21.58 2.88 8.27
N LEU B 307 20.52 2.90 9.06
CA LEU B 307 20.18 4.07 9.87
C LEU B 307 20.21 3.77 11.35
N LEU B 308 20.64 4.75 12.13
CA LEU B 308 20.43 4.72 13.57
C LEU B 308 19.33 5.70 13.88
N VAL B 309 18.23 5.21 14.44
CA VAL B 309 17.05 6.04 14.65
C VAL B 309 16.58 5.96 16.09
N ASP B 310 15.53 6.70 16.41
CA ASP B 310 14.91 6.59 17.73
C ASP B 310 14.23 5.24 17.82
N SER B 311 14.04 4.75 19.03
CA SER B 311 13.46 3.42 19.23
C SER B 311 12.00 3.39 18.76
N GLY B 312 11.66 2.32 18.04
CA GLY B 312 10.32 2.16 17.51
C GLY B 312 10.12 2.73 16.11
N ALA B 313 11.10 3.46 15.61
CA ALA B 313 10.99 3.97 14.25
C ALA B 313 11.04 2.80 13.28
N CYS B 314 11.70 1.72 13.69
CA CYS B 314 11.88 0.58 12.82
C CYS B 314 10.57 -0.18 12.59
N ILE B 315 9.66 -0.12 13.55
CA ILE B 315 8.37 -0.78 13.37
C ILE B 315 7.61 -0.03 12.27
N ALA B 316 7.74 1.28 12.25
CA ALA B 316 7.13 2.10 11.22
C ALA B 316 7.75 1.80 9.87
N ALA B 317 9.09 1.75 9.85
CA ALA B 317 9.81 1.51 8.62
C ALA B 317 9.45 0.17 8.01
N GLN B 318 9.38 -0.87 8.84
CA GLN B 318 9.10 -2.19 8.33
C GLN B 318 7.66 -2.31 7.88
N ALA B 319 6.74 -1.81 8.71
CA ALA B 319 5.32 -1.85 8.37
C ALA B 319 5.07 -1.18 7.03
N ALA B 320 5.71 -0.03 6.84
CA ALA B 320 5.64 0.71 5.59
C ALA B 320 6.25 -0.08 4.43
N HIS B 321 7.37 -0.74 4.73
CA HIS B 321 8.10 -1.48 3.71
C HIS B 321 7.24 -2.61 3.15
N GLU B 322 6.46 -3.25 4.02
CA GLU B 322 5.65 -4.37 3.57
C GLU B 322 4.47 -3.91 2.71
N TYR B 323 4.03 -2.68 2.90
CA TYR B 323 2.94 -2.16 2.10
C TYR B 323 3.44 -1.30 0.96
N LEU B 324 4.76 -1.35 0.75
CA LEU B 324 5.44 -0.62 -0.31
C LEU B 324 5.19 0.89 -0.19
N LYS B 325 5.08 1.36 1.06
CA LYS B 325 4.99 2.79 1.35
C LYS B 325 6.40 3.39 1.41
N PRO B 326 6.61 4.51 0.73
CA PRO B 326 7.93 5.16 0.73
C PRO B 326 8.42 5.55 2.13
N VAL B 327 9.63 5.14 2.46
CA VAL B 327 10.23 5.51 3.74
C VAL B 327 11.31 6.57 3.50
N ILE B 328 11.06 7.74 4.09
CA ILE B 328 11.92 8.90 3.94
C ILE B 328 12.60 9.26 5.25
N ALA B 329 13.93 9.25 5.19
CA ALA B 329 14.75 9.59 6.33
C ALA B 329 15.36 10.96 6.14
N LEU B 330 15.16 11.83 7.13
CA LEU B 330 15.72 13.17 7.09
C LEU B 330 17.03 13.25 7.87
N CYS B 331 18.11 13.54 7.16
CA CYS B 331 19.42 13.60 7.80
C CYS B 331 20.35 14.59 7.13
N GLY B 332 21.08 15.33 7.95
CA GLY B 332 22.10 16.23 7.44
C GLY B 332 23.32 15.43 7.05
N VAL B 333 24.10 15.97 6.13
CA VAL B 333 25.28 15.28 5.63
C VAL B 333 26.28 14.98 6.74
N TYR B 334 26.31 15.84 7.75
CA TYR B 334 27.22 15.63 8.88
C TYR B 334 26.93 14.35 9.68
N LYS B 335 25.67 13.90 9.69
CA LYS B 335 25.32 12.66 10.42
C LYS B 335 25.69 11.39 9.64
N PHE B 336 26.06 11.55 8.37
CA PHE B 336 26.56 10.43 7.57
C PHE B 336 27.89 9.86 8.07
N CYS B 337 27.87 8.64 8.60
CA CYS B 337 29.09 7.96 9.06
C CYS B 337 29.83 7.32 7.89
N PRO B 338 31.17 7.25 7.95
CA PRO B 338 31.92 6.76 6.79
C PRO B 338 32.15 5.26 6.73
N GLU B 339 31.69 4.51 7.73
CA GLU B 339 31.86 3.07 7.73
C GLU B 339 30.52 2.35 7.93
N ASP B 340 30.52 1.04 7.68
CA ASP B 340 29.35 0.23 8.01
C ASP B 340 29.17 0.13 9.51
N PRO B 341 27.93 -0.13 9.96
CA PRO B 341 27.79 -0.10 11.42
C PRO B 341 28.52 -1.24 12.07
N SER B 342 29.01 -1.00 13.28
CA SER B 342 29.54 -2.04 14.15
C SER B 342 28.46 -3.10 14.28
N ASP B 343 28.84 -4.35 14.54
CA ASP B 343 27.82 -5.39 14.67
C ASP B 343 26.96 -5.27 15.92
N GLU B 344 27.42 -4.51 16.90
CA GLU B 344 26.58 -4.17 18.05
C GLU B 344 25.45 -3.21 17.67
N VAL B 345 25.74 -2.30 16.74
CA VAL B 345 24.73 -1.38 16.25
C VAL B 345 23.75 -2.14 15.36
N SER B 346 24.32 -2.93 14.45
CA SER B 346 23.55 -3.77 13.54
C SER B 346 22.60 -4.72 14.23
N ARG B 347 23.06 -5.33 15.32
CA ARG B 347 22.16 -6.10 16.18
C ARG B 347 21.09 -5.22 16.82
N GLY B 348 21.48 -4.10 17.40
CA GLY B 348 20.55 -3.28 18.17
C GLY B 348 20.83 -3.24 19.66
N GLU B 349 22.09 -3.40 20.03
CA GLU B 349 22.46 -3.45 21.44
C GLU B 349 22.99 -2.11 21.93
N LEU B 350 23.15 -1.17 21.01
CA LEU B 350 23.67 0.16 21.36
C LEU B 350 22.68 0.95 22.20
N GLY B 351 23.19 1.65 23.20
CA GLY B 351 22.35 2.46 24.09
C GLY B 351 22.37 1.92 25.51
N THR B 373 16.88 -0.08 25.17
CA THR B 373 17.73 0.66 24.25
C THR B 373 16.97 1.84 23.62
N THR B 374 17.52 3.03 23.80
CA THR B 374 16.94 4.28 23.30
C THR B 374 16.96 4.43 21.78
N THR B 375 17.86 3.72 21.11
CA THR B 375 17.99 3.80 19.65
C THR B 375 17.84 2.44 18.99
N ASP B 376 17.39 2.46 17.74
CA ASP B 376 17.23 1.25 16.95
C ASP B 376 18.01 1.32 15.65
N TYR B 377 18.31 0.15 15.10
CA TYR B 377 18.97 0.09 13.81
C TYR B 377 17.98 -0.30 12.72
N ILE B 378 18.06 0.39 11.59
CA ILE B 378 17.24 0.06 10.43
C ILE B 378 18.14 -0.33 9.27
N PRO B 379 18.04 -1.59 8.83
CA PRO B 379 18.83 -2.02 7.66
C PRO B 379 18.41 -1.23 6.43
N PRO B 380 19.34 -1.02 5.49
CA PRO B 380 19.15 -0.14 4.33
C PRO B 380 17.99 -0.51 3.41
N ASP B 381 17.55 -1.76 3.44
CA ASP B 381 16.51 -2.19 2.51
C ASP B 381 15.13 -1.67 2.88
N LEU B 382 14.99 -1.13 4.09
CA LEU B 382 13.72 -0.59 4.55
C LEU B 382 13.62 0.92 4.32
N VAL B 383 14.71 1.50 3.83
CA VAL B 383 14.75 2.94 3.59
C VAL B 383 14.79 3.23 2.10
N ASP B 384 13.81 3.98 1.59
CA ASP B 384 13.75 4.25 0.17
C ASP B 384 14.34 5.62 -0.22
N VAL B 385 14.31 6.58 0.70
CA VAL B 385 14.88 7.90 0.41
C VAL B 385 15.69 8.49 1.56
N TYR B 386 16.87 9.01 1.23
CA TYR B 386 17.68 9.75 2.19
C TYR B 386 17.66 11.21 1.75
N LEU B 387 17.04 12.05 2.57
CA LEU B 387 16.87 13.46 2.25
C LEU B 387 17.84 14.32 3.03
N THR B 388 18.72 15.00 2.31
CA THR B 388 19.78 15.80 2.93
C THR B 388 19.69 17.25 2.46
N ASN B 389 20.45 18.11 3.12
CA ASN B 389 20.54 19.51 2.73
C ASN B 389 21.01 19.64 1.28
N LEU B 390 21.90 18.76 0.86
CA LEU B 390 22.36 18.76 -0.53
C LEU B 390 21.32 18.19 -1.48
N GLY B 391 20.44 17.35 -0.97
CA GLY B 391 19.37 16.81 -1.80
C GLY B 391 19.05 15.39 -1.42
N PRO B 392 18.27 14.70 -2.26
CA PRO B 392 18.03 13.27 -2.05
C PRO B 392 19.23 12.45 -2.55
N GLN B 393 19.75 11.62 -1.66
CA GLN B 393 20.91 10.79 -1.92
C GLN B 393 20.43 9.35 -1.83
N THR B 394 20.96 8.47 -2.66
CA THR B 394 20.53 7.08 -2.58
C THR B 394 21.73 6.14 -2.51
N ARG B 395 21.45 4.91 -2.06
CA ARG B 395 22.44 4.02 -1.45
C ARG B 395 23.82 3.97 -2.11
N HIS B 396 23.89 3.70 -3.40
CA HIS B 396 25.18 3.62 -4.10
C HIS B 396 25.96 4.93 -3.98
N HIS B 397 25.24 6.04 -4.01
CA HIS B 397 25.82 7.37 -3.94
C HIS B 397 26.36 7.71 -2.55
N LEU B 398 25.88 7.01 -1.53
CA LEU B 398 26.28 7.29 -0.15
C LEU B 398 27.79 7.17 0.09
N GLY B 399 28.39 6.10 -0.42
CA GLY B 399 29.80 5.82 -0.19
C GLY B 399 30.67 7.00 -0.58
N GLY B 400 30.30 7.66 -1.68
CA GLY B 400 31.01 8.83 -2.13
C GLY B 400 30.96 10.00 -1.15
N ILE B 401 29.78 10.32 -0.63
CA ILE B 401 29.64 11.55 0.13
C ILE B 401 30.27 11.41 1.51
N TYR B 402 30.35 10.18 2.00
CA TYR B 402 31.03 9.89 3.25
C TYR B 402 32.52 10.17 3.09
N ALA B 403 33.03 9.95 1.89
CA ALA B 403 34.42 10.27 1.59
C ALA B 403 34.64 11.77 1.64
N ASP B 404 33.67 12.53 1.16
CA ASP B 404 33.75 13.99 1.19
C ASP B 404 33.81 14.54 2.62
N HIS B 405 33.01 13.96 3.50
CA HIS B 405 32.83 14.46 4.85
C HIS B 405 34.11 14.38 5.69
N TYR B 406 34.89 13.33 5.48
CA TYR B 406 36.12 13.15 6.27
C TYR B 406 37.36 13.54 5.47
N LYS C 127 -10.02 30.62 -19.95
CA LYS C 127 -10.18 30.05 -18.61
C LYS C 127 -8.90 29.40 -18.11
N ASP C 128 -8.94 28.92 -16.87
CA ASP C 128 -7.76 28.31 -16.27
C ASP C 128 -7.78 26.80 -16.50
N ALA C 129 -6.86 26.32 -17.33
CA ALA C 129 -6.72 24.90 -17.57
C ALA C 129 -6.34 24.19 -16.27
N ARG C 130 -5.55 24.87 -15.45
CA ARG C 130 -5.12 24.34 -14.16
C ARG C 130 -6.32 24.07 -13.25
N SER C 131 -7.34 24.91 -13.37
CA SER C 131 -8.58 24.73 -12.62
C SER C 131 -9.31 23.48 -13.12
N GLY C 132 -9.93 22.75 -12.20
CA GLY C 132 -10.65 21.54 -12.57
C GLY C 132 -9.80 20.28 -12.45
N ILE C 133 -8.51 20.47 -12.25
CA ILE C 133 -7.63 19.34 -11.97
C ILE C 133 -7.94 18.83 -10.58
N PRO C 134 -8.10 17.50 -10.42
CA PRO C 134 -8.35 16.97 -9.08
C PRO C 134 -7.22 17.33 -8.12
N GLU C 135 -7.54 17.48 -6.84
CA GLU C 135 -6.58 18.05 -5.90
C GLU C 135 -5.34 17.18 -5.78
N CYS C 136 -5.54 15.86 -5.81
CA CYS C 136 -4.46 14.89 -5.74
C CYS C 136 -3.39 15.16 -6.77
N PHE C 137 -3.80 15.69 -7.92
CA PHE C 137 -2.89 15.94 -9.02
C PHE C 137 -2.60 17.42 -9.32
N SER C 138 -2.96 18.30 -8.39
CA SER C 138 -2.77 19.74 -8.58
C SER C 138 -1.30 20.11 -8.79
N HIS C 139 -0.42 19.50 -8.01
CA HIS C 139 0.99 19.86 -8.04
C HIS C 139 1.62 19.54 -9.40
N ILE C 140 1.02 18.61 -10.12
CA ILE C 140 1.53 18.14 -11.40
C ILE C 140 1.44 19.19 -12.51
N PRO C 141 2.55 19.43 -13.22
CA PRO C 141 2.60 20.39 -14.33
C PRO C 141 1.87 19.93 -15.58
N MET C 142 1.49 20.88 -16.43
CA MET C 142 0.74 20.61 -17.65
C MET C 142 1.16 21.55 -18.77
N ALA C 143 1.17 21.04 -20.00
CA ALA C 143 1.56 21.80 -21.18
C ALA C 143 0.56 22.91 -21.53
N LYS C 144 1.04 24.15 -21.47
CA LYS C 144 0.18 25.30 -21.77
C LYS C 144 0.31 25.79 -23.21
N ARG C 145 -0.78 25.64 -23.95
CA ARG C 145 -0.86 26.02 -25.35
C ARG C 145 -0.72 27.53 -25.59
N ILE C 146 0.29 27.94 -26.35
CA ILE C 146 0.50 29.36 -26.62
C ILE C 146 0.83 29.59 -28.09
N GLN C 150 2.79 34.08 -30.86
CA GLN C 150 1.85 35.14 -30.51
C GLN C 150 1.77 35.31 -29.00
N ALA C 151 1.55 36.54 -28.55
CA ALA C 151 1.46 36.82 -27.13
C ALA C 151 2.73 36.35 -26.44
N HIS C 152 3.87 36.57 -27.09
CA HIS C 152 5.14 36.15 -26.53
C HIS C 152 6.23 37.22 -26.60
N LYS C 153 7.19 37.13 -25.70
CA LYS C 153 8.31 38.06 -25.63
C LYS C 153 9.25 37.78 -26.79
N ASP C 154 10.16 38.71 -27.08
CA ASP C 154 11.07 38.50 -28.20
C ASP C 154 11.83 37.21 -27.96
N VAL C 155 11.89 36.39 -29.00
CA VAL C 155 12.58 35.11 -28.94
C VAL C 155 13.16 34.78 -30.29
N HIS C 156 14.17 33.93 -30.32
CA HIS C 156 14.77 33.56 -31.59
C HIS C 156 13.74 32.79 -32.40
N PRO C 157 13.80 32.96 -33.78
CA PRO C 157 12.77 32.21 -34.52
C PRO C 157 12.87 30.70 -34.34
N ALA C 158 14.08 30.16 -34.33
CA ALA C 158 14.27 28.73 -34.15
C ALA C 158 13.61 28.25 -32.86
N VAL C 159 14.02 28.83 -31.74
CA VAL C 159 13.47 28.47 -30.44
C VAL C 159 11.94 28.52 -30.48
N LEU C 160 11.42 29.51 -31.19
CA LEU C 160 9.98 29.67 -31.36
C LEU C 160 9.39 28.46 -32.06
N ALA C 161 9.99 28.11 -33.20
CA ALA C 161 9.53 26.97 -33.97
C ALA C 161 9.57 25.72 -33.11
N VAL C 162 10.77 25.33 -32.67
CA VAL C 162 10.96 24.11 -31.89
C VAL C 162 10.04 24.02 -30.67
N GLY C 163 9.91 25.13 -29.95
CA GLY C 163 9.04 25.18 -28.79
C GLY C 163 7.61 24.90 -29.17
N GLN C 164 7.23 25.36 -30.35
CA GLN C 164 5.86 25.21 -30.80
C GLN C 164 5.61 23.86 -31.46
N GLN C 165 6.69 23.14 -31.76
CA GLN C 165 6.51 21.78 -32.20
C GLN C 165 6.43 20.91 -30.94
N MET C 166 6.96 21.45 -29.84
CA MET C 166 6.81 20.84 -28.51
C MET C 166 5.39 21.02 -27.98
N ALA C 167 4.79 22.17 -28.29
CA ALA C 167 3.42 22.45 -27.87
C ALA C 167 2.40 21.55 -28.60
N THR C 168 2.67 21.27 -29.88
CA THR C 168 1.79 20.43 -30.68
C THR C 168 2.00 18.95 -30.39
N PHE C 169 3.08 18.66 -29.67
CA PHE C 169 3.49 17.29 -29.36
C PHE C 169 3.96 16.55 -30.63
N ALA C 170 4.46 17.32 -31.59
CA ALA C 170 5.11 16.76 -32.77
C ALA C 170 6.37 16.04 -32.35
N LEU C 171 7.07 16.63 -31.38
CA LEU C 171 8.22 15.99 -30.76
C LEU C 171 7.93 15.68 -29.30
N LYS C 172 7.73 14.42 -28.95
CA LYS C 172 7.62 14.11 -27.53
C LYS C 172 8.74 13.20 -27.01
N ASP C 173 9.55 12.64 -27.89
CA ASP C 173 10.77 11.97 -27.42
C ASP C 173 11.65 13.01 -26.74
N SER C 174 12.21 12.66 -25.58
CA SER C 174 13.06 13.60 -24.85
C SER C 174 14.36 13.87 -25.61
N ILE C 175 14.84 12.86 -26.33
CA ILE C 175 16.06 13.01 -27.10
C ILE C 175 15.83 13.92 -28.32
N SER C 176 14.71 13.73 -29.00
CA SER C 176 14.40 14.58 -30.15
C SER C 176 14.20 16.03 -29.71
N ARG C 177 13.50 16.21 -28.59
CA ARG C 177 13.31 17.54 -28.02
C ARG C 177 14.64 18.18 -27.63
N LEU C 178 15.49 17.39 -27.01
CA LEU C 178 16.82 17.84 -26.60
C LEU C 178 17.63 18.30 -27.79
N LYS C 179 17.61 17.49 -28.84
CA LYS C 179 18.41 17.75 -30.03
C LYS C 179 17.92 18.99 -30.75
N ALA C 180 16.59 19.11 -30.88
CA ALA C 180 15.98 20.27 -31.50
C ALA C 180 16.32 21.54 -30.72
N THR C 181 16.21 21.45 -29.40
CA THR C 181 16.56 22.56 -28.53
C THR C 181 18.01 22.96 -28.69
N LEU C 182 18.89 21.97 -28.81
CA LEU C 182 20.32 22.23 -28.96
C LEU C 182 20.66 22.89 -30.28
N LEU C 183 20.00 22.47 -31.36
CA LEU C 183 20.24 23.09 -32.67
C LEU C 183 19.71 24.52 -32.69
N ALA C 184 18.52 24.70 -32.12
CA ALA C 184 17.93 26.02 -31.99
C ALA C 184 18.87 26.95 -31.23
N PHE C 185 19.31 26.51 -30.05
CA PHE C 185 20.22 27.28 -29.22
C PHE C 185 21.52 27.55 -29.97
N ARG C 186 21.92 26.61 -30.81
CA ARG C 186 23.12 26.77 -31.61
C ARG C 186 23.02 27.96 -32.56
N LYS C 187 21.88 28.05 -33.25
CA LYS C 187 21.71 29.16 -34.18
C LYS C 187 21.49 30.48 -33.42
N VAL C 188 20.94 30.35 -32.22
CA VAL C 188 20.79 31.50 -31.32
C VAL C 188 22.17 32.06 -30.98
N ILE C 189 23.08 31.15 -30.67
CA ILE C 189 24.45 31.50 -30.33
C ILE C 189 25.14 32.18 -31.50
N GLU C 190 25.01 31.65 -32.72
CA GLU C 190 25.75 32.31 -33.80
C GLU C 190 25.10 33.59 -34.32
N SER C 191 23.82 33.83 -34.01
CA SER C 191 23.25 35.13 -34.38
C SER C 191 23.58 36.20 -33.34
N TYR C 192 23.92 35.75 -32.14
CA TYR C 192 24.18 36.65 -31.03
C TYR C 192 25.42 37.50 -31.25
N GLU C 193 25.28 38.80 -31.05
CA GLU C 193 26.41 39.71 -31.05
C GLU C 193 26.38 40.51 -29.76
N THR C 194 27.47 40.46 -29.00
CA THR C 194 27.57 41.16 -27.72
C THR C 194 27.48 42.66 -27.88
N PRO C 195 26.68 43.31 -27.02
CA PRO C 195 26.65 44.78 -27.05
C PRO C 195 28.04 45.35 -26.78
N LYS C 196 28.34 46.46 -27.42
CA LYS C 196 29.60 47.15 -27.23
C LYS C 196 29.73 47.58 -25.76
N GLY C 197 30.98 47.61 -25.30
CA GLY C 197 31.30 47.95 -23.91
C GLY C 197 30.66 47.08 -22.86
N ASN C 198 30.51 45.80 -23.17
CA ASN C 198 30.03 44.80 -22.22
C ASN C 198 30.81 43.52 -22.48
N SER C 199 30.65 42.53 -21.61
CA SER C 199 31.30 41.24 -21.80
C SER C 199 30.25 40.26 -22.32
N LEU C 200 30.70 39.18 -22.94
CA LEU C 200 29.76 38.16 -23.43
C LEU C 200 29.23 37.35 -22.28
N SER C 201 30.11 36.96 -21.37
CA SER C 201 29.70 36.12 -20.26
C SER C 201 28.62 36.74 -19.39
N ARG C 202 28.76 38.01 -19.04
CA ARG C 202 27.74 38.64 -18.21
C ARG C 202 26.41 38.75 -18.93
N HIS C 203 26.47 39.22 -20.17
CA HIS C 203 25.30 39.44 -21.01
C HIS C 203 24.47 38.26 -21.57
N PHE C 204 25.13 37.22 -22.06
CA PHE C 204 24.42 36.12 -22.70
C PHE C 204 23.42 35.26 -21.93
N VAL C 205 23.80 34.78 -20.75
CA VAL C 205 22.86 33.95 -19.99
C VAL C 205 21.63 34.69 -19.47
N PRO C 206 21.91 35.91 -18.85
CA PRO C 206 20.71 36.59 -18.33
C PRO C 206 19.71 37.16 -19.34
N HIS C 207 20.20 37.81 -20.39
CA HIS C 207 19.30 38.43 -21.36
C HIS C 207 18.93 37.68 -22.63
N VAL C 208 19.64 36.62 -22.99
CA VAL C 208 19.31 35.91 -24.22
C VAL C 208 18.90 34.44 -24.07
N LEU C 209 19.75 33.64 -23.45
CA LEU C 209 19.46 32.22 -23.28
C LEU C 209 18.24 31.93 -22.42
N ASN C 210 18.12 32.67 -21.33
CA ASN C 210 17.00 32.48 -20.40
C ASN C 210 15.62 32.77 -21.02
N PRO C 211 15.49 33.83 -21.85
CA PRO C 211 14.19 33.99 -22.50
C PRO C 211 13.79 32.79 -23.36
N GLN C 212 14.75 32.20 -24.08
CA GLN C 212 14.47 31.02 -24.88
C GLN C 212 14.04 29.88 -23.96
N ILE C 213 14.80 29.71 -22.89
CA ILE C 213 14.50 28.64 -21.93
C ILE C 213 13.09 28.73 -21.39
N GLU C 214 12.73 29.89 -20.85
CA GLU C 214 11.42 30.06 -20.24
C GLU C 214 10.28 29.98 -21.27
N TYR C 215 10.52 30.51 -22.47
CA TYR C 215 9.56 30.32 -23.55
C TYR C 215 9.28 28.83 -23.78
N LEU C 216 10.37 28.06 -23.84
CA LEU C 216 10.27 26.62 -24.04
C LEU C 216 9.49 25.99 -22.88
N THR C 217 9.81 26.41 -21.65
CA THR C 217 9.13 25.88 -20.47
C THR C 217 7.64 26.16 -20.49
N GLU C 218 7.22 27.25 -21.12
CA GLU C 218 5.79 27.51 -21.17
C GLU C 218 5.15 27.06 -22.47
N CYS C 219 5.95 26.52 -23.38
CA CYS C 219 5.38 25.75 -24.48
C CYS C 219 5.00 24.37 -23.96
N ARG C 220 5.92 23.76 -23.22
CA ARG C 220 5.70 22.47 -22.56
C ARG C 220 6.72 22.32 -21.44
N PRO C 221 6.34 21.71 -20.30
CA PRO C 221 7.31 21.48 -19.23
C PRO C 221 8.54 20.73 -19.73
N MET C 222 9.73 21.21 -19.40
CA MET C 222 10.96 20.65 -19.94
C MET C 222 11.25 19.26 -19.38
N CYS C 223 11.75 18.38 -20.24
CA CYS C 223 12.20 17.06 -19.82
C CYS C 223 13.56 17.19 -19.15
N PHE C 224 14.00 16.13 -18.49
CA PHE C 224 15.28 16.19 -17.78
C PHE C 224 16.46 16.49 -18.71
N ALA C 225 16.43 15.88 -19.89
CA ALA C 225 17.52 16.05 -20.87
C ALA C 225 17.78 17.52 -21.13
N MET C 226 16.70 18.26 -21.35
CA MET C 226 16.78 19.70 -21.62
C MET C 226 17.39 20.43 -20.44
N GLY C 227 16.93 20.11 -19.24
CA GLY C 227 17.41 20.76 -18.03
C GLY C 227 18.89 20.55 -17.81
N ASN C 228 19.31 19.30 -17.92
CA ASN C 228 20.70 18.91 -17.74
C ASN C 228 21.61 19.58 -18.78
N ALA C 229 21.18 19.52 -20.03
CA ALA C 229 21.95 20.13 -21.12
C ALA C 229 22.07 21.63 -20.93
N ILE C 230 20.98 22.26 -20.48
CA ILE C 230 20.98 23.69 -20.19
C ILE C 230 21.95 24.02 -19.08
N ARG C 231 21.92 23.22 -18.02
CA ARG C 231 22.79 23.43 -16.87
C ARG C 231 24.26 23.32 -17.29
N LEU C 232 24.55 22.35 -18.16
CA LEU C 232 25.90 22.17 -18.69
C LEU C 232 26.31 23.39 -19.53
N LEU C 233 25.39 23.83 -20.38
CA LEU C 233 25.62 24.96 -21.27
C LEU C 233 25.95 26.21 -20.47
N LYS C 234 25.21 26.44 -19.40
CA LYS C 234 25.44 27.61 -18.57
C LYS C 234 26.71 27.45 -17.75
N ALA C 235 27.09 26.21 -17.48
CA ALA C 235 28.38 25.97 -16.83
C ALA C 235 29.49 26.44 -17.77
N LYS C 236 29.33 26.16 -19.05
CA LYS C 236 30.33 26.62 -20.01
C LYS C 236 30.27 28.12 -20.29
N VAL C 237 29.09 28.74 -20.14
CA VAL C 237 29.01 30.18 -20.34
C VAL C 237 29.68 30.89 -19.19
N ASN C 238 29.50 30.39 -17.98
CA ASN C 238 30.09 31.08 -16.84
C ASN C 238 31.52 30.64 -16.55
N LYS C 239 32.00 29.66 -17.31
CA LYS C 239 33.45 29.45 -17.35
C LYS C 239 34.14 30.64 -18.03
N PHE C 240 33.41 31.29 -18.94
CA PHE C 240 33.94 32.42 -19.70
C PHE C 240 34.18 33.67 -18.86
N ASP C 241 35.10 34.51 -19.33
CA ASP C 241 35.53 35.73 -18.65
C ASP C 241 35.40 36.91 -19.62
N ILE C 242 35.46 38.13 -19.09
CA ILE C 242 35.44 39.35 -19.90
C ILE C 242 36.61 39.46 -20.88
N ASN C 243 37.79 38.99 -20.50
CA ASN C 243 38.95 39.07 -21.38
C ASN C 243 38.93 38.02 -22.47
N THR C 244 37.96 37.12 -22.39
CA THR C 244 37.76 36.14 -23.42
C THR C 244 37.14 36.86 -24.61
N PRO C 245 37.80 36.82 -25.78
CA PRO C 245 37.22 37.47 -26.97
C PRO C 245 35.93 36.79 -27.40
N GLU C 246 35.10 37.52 -28.14
CA GLU C 246 33.80 36.98 -28.56
C GLU C 246 33.88 35.83 -29.57
N ASP C 247 34.78 35.97 -30.54
CA ASP C 247 34.87 35.06 -31.67
C ASP C 247 35.12 33.60 -31.30
N GLU C 248 36.11 33.32 -30.45
CA GLU C 248 36.41 31.95 -30.06
C GLU C 248 35.38 31.41 -29.08
N ALA C 249 34.82 32.28 -28.24
CA ALA C 249 33.77 31.87 -27.31
C ALA C 249 32.54 31.34 -28.03
N LYS C 250 32.11 32.02 -29.09
CA LYS C 250 30.90 31.55 -29.76
C LYS C 250 31.07 30.18 -30.43
N GLU C 251 32.20 29.90 -31.07
CA GLU C 251 32.26 28.58 -31.71
C GLU C 251 32.82 27.52 -30.75
N GLY C 252 33.33 27.98 -29.62
CA GLY C 252 33.61 27.12 -28.48
C GLY C 252 32.29 26.53 -28.00
N LEU C 253 31.33 27.43 -27.85
CA LEU C 253 29.99 26.98 -27.54
C LEU C 253 29.45 26.09 -28.67
N LEU C 254 29.72 26.46 -29.92
CA LEU C 254 29.11 25.72 -31.02
C LEU C 254 29.56 24.27 -31.16
N GLU C 255 30.87 23.99 -31.16
CA GLU C 255 31.28 22.59 -31.23
C GLU C 255 31.23 21.93 -29.84
N TRP C 256 30.98 22.70 -28.78
CA TRP C 256 30.54 22.03 -27.57
C TRP C 256 29.16 21.40 -27.81
N ILE C 257 28.28 22.17 -28.45
CA ILE C 257 26.96 21.67 -28.82
C ILE C 257 27.07 20.48 -29.77
N ASP C 258 27.95 20.60 -30.76
CA ASP C 258 28.17 19.54 -31.73
C ASP C 258 28.72 18.28 -31.11
N PHE C 259 29.64 18.44 -30.15
CA PHE C 259 30.21 17.29 -29.44
C PHE C 259 29.12 16.62 -28.60
N LEU C 260 28.28 17.43 -27.99
CA LEU C 260 27.19 16.91 -27.16
C LEU C 260 26.22 16.10 -28.00
N ILE C 261 25.81 16.66 -29.13
CA ILE C 261 24.89 15.98 -30.03
C ILE C 261 25.50 14.71 -30.63
N ASN C 262 26.75 14.79 -31.03
CA ASN C 262 27.39 13.65 -31.67
C ASN C 262 27.68 12.49 -30.73
N GLU C 263 28.20 12.78 -29.54
CA GLU C 263 28.66 11.70 -28.66
C GLU C 263 27.69 11.34 -27.53
N ARG C 264 26.79 12.27 -27.19
CA ARG C 264 25.85 11.99 -26.11
C ARG C 264 24.47 11.62 -26.69
N ILE C 265 24.29 11.86 -27.98
CA ILE C 265 23.02 11.54 -28.63
C ILE C 265 23.18 10.54 -29.79
N THR C 266 23.88 10.93 -30.86
CA THR C 266 23.96 10.11 -32.07
C THR C 266 24.78 8.84 -31.83
N LEU C 267 26.04 9.04 -31.46
CA LEU C 267 26.92 7.92 -31.20
C LEU C 267 26.38 7.06 -30.07
N ALA C 268 25.81 7.71 -29.06
CA ALA C 268 25.18 6.99 -27.95
C ALA C 268 24.09 6.04 -28.46
N GLU C 269 23.23 6.56 -29.33
CA GLU C 269 22.18 5.76 -29.94
C GLU C 269 22.74 4.59 -30.72
N TYR C 270 23.74 4.87 -31.56
CA TYR C 270 24.37 3.84 -32.38
C TYR C 270 24.91 2.72 -31.50
N VAL C 271 25.64 3.10 -30.45
CA VAL C 271 26.26 2.13 -29.55
C VAL C 271 25.22 1.31 -28.77
N ILE C 272 24.19 1.97 -28.25
CA ILE C 272 23.13 1.26 -27.54
C ILE C 272 22.45 0.25 -28.46
N ALA C 273 22.11 0.69 -29.67
CA ALA C 273 21.51 -0.20 -30.67
C ALA C 273 22.43 -1.39 -30.93
N ARG C 274 23.71 -1.11 -31.12
CA ARG C 274 24.74 -2.13 -31.32
C ARG C 274 24.72 -3.20 -30.22
N ASN C 275 24.89 -2.75 -28.98
CA ASN C 275 24.96 -3.64 -27.83
C ASN C 275 23.69 -4.46 -27.60
N ALA C 276 22.55 -3.78 -27.69
CA ALA C 276 21.27 -4.41 -27.45
C ALA C 276 20.97 -5.42 -28.55
N ALA C 277 21.33 -5.08 -29.79
CA ALA C 277 21.12 -5.99 -30.91
C ALA C 277 22.01 -7.22 -30.71
N GLN C 278 23.17 -7.02 -30.10
CA GLN C 278 24.05 -8.16 -29.84
C GLN C 278 23.54 -9.01 -28.68
N SER C 279 22.71 -8.44 -27.81
CA SER C 279 22.10 -9.20 -26.72
C SER C 279 21.05 -10.21 -27.21
N ILE C 280 20.39 -9.88 -28.31
CA ILE C 280 19.37 -10.72 -28.91
C ILE C 280 19.98 -11.98 -29.53
N ASN C 281 19.30 -13.11 -29.32
CA ASN C 281 19.73 -14.38 -29.91
C ASN C 281 18.60 -14.93 -30.75
N ASP C 282 18.93 -15.87 -31.64
CA ASP C 282 17.97 -16.38 -32.60
C ASP C 282 16.84 -17.10 -31.87
N GLY C 283 15.60 -16.86 -32.30
CA GLY C 283 14.44 -17.51 -31.69
C GLY C 283 13.85 -16.82 -30.49
N ASP C 284 14.44 -15.69 -30.10
CA ASP C 284 13.95 -14.94 -28.96
C ASP C 284 12.65 -14.24 -29.30
N THR C 285 11.83 -14.02 -28.29
CA THR C 285 10.62 -13.21 -28.46
C THR C 285 10.79 -11.91 -27.71
N ILE C 286 10.80 -10.81 -28.45
CA ILE C 286 11.00 -9.51 -27.86
C ILE C 286 9.66 -8.82 -27.64
N VAL C 287 9.47 -8.30 -26.43
CA VAL C 287 8.25 -7.58 -26.13
C VAL C 287 8.58 -6.11 -25.89
N THR C 288 7.82 -5.22 -26.53
CA THR C 288 8.01 -3.79 -26.29
C THR C 288 6.68 -3.08 -26.11
N TYR C 289 6.73 -1.90 -25.49
CA TYR C 289 5.51 -1.17 -25.18
C TYR C 289 5.48 0.16 -25.90
N GLY C 290 4.44 0.38 -26.68
CA GLY C 290 4.35 1.59 -27.48
C GLY C 290 5.49 1.59 -28.47
N ARG C 291 5.89 2.76 -28.92
CA ARG C 291 7.00 2.84 -29.84
C ARG C 291 8.11 3.71 -29.28
N HIS C 292 9.26 3.10 -28.99
CA HIS C 292 10.41 3.88 -28.52
C HIS C 292 11.55 3.83 -29.51
N ARG C 293 12.11 5.01 -29.79
CA ARG C 293 13.16 5.22 -30.79
C ARG C 293 14.32 4.22 -30.68
N LEU C 294 14.84 4.06 -29.47
CA LEU C 294 15.97 3.16 -29.23
C LEU C 294 15.61 1.69 -29.43
N VAL C 295 14.44 1.28 -28.96
CA VAL C 295 13.97 -0.10 -29.13
C VAL C 295 13.80 -0.41 -30.61
N GLU C 296 13.20 0.52 -31.33
CA GLU C 296 13.01 0.40 -32.77
C GLU C 296 14.36 0.24 -33.49
N LYS C 297 15.29 1.15 -33.21
CA LYS C 297 16.60 1.12 -33.85
C LYS C 297 17.35 -0.17 -33.53
N THR C 298 17.17 -0.65 -32.31
CA THR C 298 17.76 -1.91 -31.89
C THR C 298 17.22 -3.11 -32.67
N LEU C 299 15.89 -3.22 -32.72
CA LEU C 299 15.29 -4.36 -33.40
C LEU C 299 15.62 -4.35 -34.89
N LEU C 300 15.57 -3.17 -35.50
CA LEU C 300 15.93 -3.04 -36.91
C LEU C 300 17.40 -3.42 -37.17
N ARG C 301 18.32 -2.89 -36.36
CA ARG C 301 19.73 -3.20 -36.52
C ARG C 301 19.97 -4.70 -36.37
N ALA C 302 19.37 -5.29 -35.34
CA ALA C 302 19.48 -6.72 -35.09
C ALA C 302 18.98 -7.51 -36.29
N ARG C 303 17.92 -7.02 -36.92
CA ARG C 303 17.36 -7.72 -38.05
C ARG C 303 18.30 -7.65 -39.25
N LYS C 304 18.97 -6.52 -39.42
CA LYS C 304 19.89 -6.40 -40.55
C LYS C 304 21.20 -7.14 -40.31
N GLU C 305 21.44 -7.54 -39.06
CA GLU C 305 22.59 -8.40 -38.75
C GLU C 305 22.29 -9.86 -39.10
N GLY C 306 21.09 -10.12 -39.61
CA GLY C 306 20.75 -11.46 -40.06
C GLY C 306 20.10 -12.31 -38.98
N LYS C 307 19.91 -11.74 -37.80
CA LYS C 307 19.25 -12.47 -36.72
C LYS C 307 17.75 -12.58 -36.98
N SER C 308 17.17 -13.69 -36.57
CA SER C 308 15.73 -13.90 -36.73
C SER C 308 15.05 -14.04 -35.36
N PHE C 309 13.98 -13.28 -35.17
CA PHE C 309 13.30 -13.25 -33.89
C PHE C 309 11.87 -12.78 -34.06
N ASN C 310 11.08 -12.90 -33.00
CA ASN C 310 9.70 -12.45 -33.01
C ASN C 310 9.49 -11.29 -32.06
N VAL C 311 8.71 -10.30 -32.49
CA VAL C 311 8.45 -9.13 -31.67
C VAL C 311 6.97 -8.98 -31.37
N THR C 312 6.65 -8.83 -30.09
CA THR C 312 5.31 -8.49 -29.67
C THR C 312 5.26 -7.02 -29.26
N VAL C 313 4.48 -6.23 -30.00
CA VAL C 313 4.34 -4.82 -29.72
C VAL C 313 3.04 -4.56 -28.96
N LEU C 314 3.17 -4.04 -27.75
CA LEU C 314 2.01 -3.67 -26.95
C LEU C 314 1.79 -2.18 -27.14
N ASP C 315 0.55 -1.73 -26.98
CA ASP C 315 0.27 -0.32 -27.25
C ASP C 315 -0.61 0.32 -26.17
N ASP C 316 -0.51 1.63 -26.09
CA ASP C 316 -1.46 2.43 -25.34
C ASP C 316 -2.57 2.84 -26.31
N PRO C 317 -3.79 2.33 -26.08
CA PRO C 317 -4.90 2.68 -26.98
C PRO C 317 -5.19 4.17 -27.03
N TYR C 318 -4.64 4.93 -26.08
CA TYR C 318 -4.80 6.38 -26.07
C TYR C 318 -3.75 7.07 -26.92
N VAL C 319 -2.64 6.40 -27.19
CA VAL C 319 -1.59 6.95 -28.06
C VAL C 319 -1.58 6.30 -29.44
N GLY C 320 -1.32 4.99 -29.46
CA GLY C 320 -1.43 4.18 -30.67
C GLY C 320 -0.27 4.23 -31.65
N GLU C 321 0.90 4.68 -31.18
CA GLU C 321 2.07 4.77 -32.05
C GLU C 321 2.69 3.39 -32.28
N GLY C 322 2.44 2.49 -31.32
CA GLY C 322 2.94 1.13 -31.40
C GLY C 322 2.53 0.44 -32.68
N LYS C 323 1.38 0.85 -33.23
CA LYS C 323 0.87 0.25 -34.46
C LYS C 323 1.76 0.55 -35.65
N GLU C 324 2.20 1.79 -35.73
CA GLU C 324 3.05 2.18 -36.85
C GLU C 324 4.44 1.58 -36.60
N LEU C 325 4.80 1.41 -35.33
CA LEU C 325 6.03 0.68 -35.02
C LEU C 325 5.93 -0.73 -35.61
N ALA C 326 4.78 -1.35 -35.40
CA ALA C 326 4.51 -2.69 -35.89
C ALA C 326 4.66 -2.72 -37.41
N LYS C 327 4.16 -1.68 -38.06
CA LYS C 327 4.20 -1.64 -39.53
C LYS C 327 5.65 -1.54 -40.00
N VAL C 328 6.44 -0.74 -39.29
CA VAL C 328 7.85 -0.60 -39.65
C VAL C 328 8.57 -1.95 -39.48
N LEU C 329 8.37 -2.59 -38.34
CA LEU C 329 9.05 -3.85 -38.06
C LEU C 329 8.65 -4.95 -39.06
N ARG C 330 7.40 -4.92 -39.50
CA ARG C 330 6.97 -5.89 -40.50
C ARG C 330 7.46 -5.54 -41.90
N HIS C 331 7.81 -4.27 -42.13
CA HIS C 331 8.36 -3.90 -43.42
C HIS C 331 9.79 -4.44 -43.57
N ALA C 332 10.50 -4.56 -42.45
CA ALA C 332 11.87 -5.07 -42.43
C ALA C 332 11.94 -6.60 -42.46
N GLY C 333 10.81 -7.27 -42.28
CA GLY C 333 10.77 -8.72 -42.30
C GLY C 333 10.67 -9.35 -40.93
N ILE C 334 10.42 -8.52 -39.92
CA ILE C 334 10.23 -9.01 -38.56
C ILE C 334 8.77 -9.34 -38.30
N PRO C 335 8.48 -10.60 -37.91
CA PRO C 335 7.13 -11.01 -37.54
C PRO C 335 6.66 -10.30 -36.28
N VAL C 336 5.49 -9.68 -36.34
CA VAL C 336 5.01 -8.94 -35.18
C VAL C 336 3.59 -9.34 -34.77
N LEU C 337 3.40 -9.49 -33.46
CA LEU C 337 2.07 -9.65 -32.87
C LEU C 337 1.70 -8.33 -32.22
N TYR C 338 0.59 -7.75 -32.65
CA TYR C 338 0.20 -6.44 -32.13
C TYR C 338 -0.97 -6.52 -31.16
N SER C 339 -0.86 -5.82 -30.04
CA SER C 339 -1.94 -5.68 -29.08
C SER C 339 -2.21 -4.20 -28.82
N PRO C 340 -3.42 -3.73 -29.19
CA PRO C 340 -3.80 -2.32 -29.11
C PRO C 340 -3.86 -1.79 -27.68
N ASN C 341 -3.86 -2.69 -26.72
CA ASN C 341 -3.98 -2.33 -25.31
C ASN C 341 -3.23 -3.32 -24.43
N LEU C 342 -3.35 -3.16 -23.13
CA LEU C 342 -2.63 -3.99 -22.18
C LEU C 342 -3.49 -5.12 -21.63
N GLY C 343 -4.63 -5.36 -22.28
CA GLY C 343 -5.50 -6.45 -21.88
C GLY C 343 -4.84 -7.78 -22.20
N GLY C 344 -5.12 -8.80 -21.39
CA GLY C 344 -4.57 -10.12 -21.61
C GLY C 344 -3.06 -10.11 -21.58
N LEU C 345 -2.52 -9.26 -20.71
CA LEU C 345 -1.08 -9.04 -20.62
C LEU C 345 -0.29 -10.30 -20.25
N ARG C 346 -0.79 -11.06 -19.29
CA ARG C 346 -0.11 -12.24 -18.80
C ARG C 346 0.13 -13.26 -19.92
N SER C 347 -0.81 -13.31 -20.85
CA SER C 347 -0.75 -14.21 -21.98
C SER C 347 0.43 -13.93 -22.90
N LYS C 348 0.66 -12.65 -23.15
CA LYS C 348 1.64 -12.25 -24.16
C LYS C 348 2.95 -11.74 -23.59
N VAL C 349 3.16 -11.92 -22.29
CA VAL C 349 4.49 -11.72 -21.71
C VAL C 349 4.93 -13.00 -21.00
N PRO C 350 5.31 -14.04 -21.77
CA PRO C 350 5.72 -15.31 -21.18
C PRO C 350 7.09 -15.22 -20.51
N ALA C 351 7.41 -16.19 -19.67
CA ALA C 351 8.70 -16.21 -18.98
C ALA C 351 9.86 -16.28 -19.97
N ALA C 352 9.65 -16.96 -21.08
CA ALA C 352 10.68 -17.12 -22.11
C ALA C 352 11.00 -15.80 -22.82
N SER C 353 10.01 -14.90 -22.83
CA SER C 353 10.15 -13.62 -23.52
C SER C 353 11.18 -12.68 -22.88
N ASN C 354 11.77 -11.82 -23.70
CA ASN C 354 12.64 -10.75 -23.26
C ASN C 354 11.98 -9.41 -23.57
N VAL C 355 11.86 -8.56 -22.55
CA VAL C 355 11.14 -7.30 -22.71
C VAL C 355 12.09 -6.12 -22.79
N PHE C 356 12.03 -5.39 -23.91
CA PHE C 356 12.87 -4.23 -24.16
C PHE C 356 12.10 -2.92 -24.06
N LEU C 357 12.54 -2.05 -23.16
CA LEU C 357 11.82 -0.82 -22.88
C LEU C 357 12.69 0.42 -22.99
N GLY C 358 12.07 1.51 -23.45
CA GLY C 358 12.72 2.80 -23.47
C GLY C 358 11.96 3.73 -22.53
N GLY C 359 12.55 4.87 -22.21
CA GLY C 359 11.93 5.80 -21.29
C GLY C 359 12.28 7.23 -21.63
N GLU C 360 11.94 8.15 -20.73
CA GLU C 360 12.32 9.54 -20.92
C GLU C 360 13.56 9.86 -20.10
N ALA C 361 13.67 9.23 -18.93
CA ALA C 361 14.82 9.41 -18.06
C ALA C 361 14.89 8.33 -16.98
N ILE C 362 16.06 8.22 -16.34
CA ILE C 362 16.25 7.30 -15.22
C ILE C 362 16.70 8.07 -13.98
N PHE C 363 15.97 7.91 -12.87
CA PHE C 363 16.29 8.65 -11.65
C PHE C 363 17.45 8.02 -10.89
N ALA C 364 17.94 8.73 -9.87
CA ALA C 364 19.12 8.30 -9.11
C ALA C 364 18.90 6.97 -8.38
N ASN C 365 17.69 6.74 -7.88
CA ASN C 365 17.40 5.50 -7.17
C ASN C 365 17.23 4.32 -8.13
N GLY C 366 17.38 4.59 -9.42
CA GLY C 366 17.39 3.53 -10.42
C GLY C 366 16.05 3.26 -11.08
N SER C 367 15.03 4.02 -10.71
CA SER C 367 13.70 3.81 -11.27
C SER C 367 13.53 4.55 -12.62
N LEU C 368 12.71 3.99 -13.49
CA LEU C 368 12.54 4.45 -14.87
C LEU C 368 11.32 5.35 -15.07
N HIS C 369 11.55 6.57 -15.55
CA HIS C 369 10.47 7.48 -15.91
C HIS C 369 10.06 7.18 -17.34
N ALA C 370 8.82 6.73 -17.57
CA ALA C 370 8.47 6.27 -18.91
C ALA C 370 7.04 6.60 -19.30
N PRO C 371 6.70 6.50 -20.60
CA PRO C 371 5.29 6.69 -20.99
C PRO C 371 4.33 5.78 -20.21
N SER C 372 3.16 6.30 -19.87
CA SER C 372 2.17 5.58 -19.07
C SER C 372 1.86 4.18 -19.60
N GLY C 373 1.79 3.21 -18.68
CA GLY C 373 1.55 1.83 -19.03
C GLY C 373 2.82 0.99 -18.94
N THR C 374 3.97 1.68 -18.93
CA THR C 374 5.27 1.02 -18.89
C THR C 374 5.45 0.13 -17.66
N ALA C 375 5.16 0.70 -16.49
CA ALA C 375 5.38 -0.02 -15.25
C ALA C 375 4.53 -1.28 -15.18
N ASP C 376 3.35 -1.24 -15.78
CA ASP C 376 2.48 -2.40 -15.80
C ASP C 376 3.15 -3.55 -16.58
N VAL C 377 3.69 -3.23 -17.75
CA VAL C 377 4.38 -4.23 -18.56
C VAL C 377 5.60 -4.77 -17.82
N ALA C 378 6.35 -3.86 -17.21
CA ALA C 378 7.57 -4.24 -16.48
C ALA C 378 7.27 -5.17 -15.31
N MET C 379 6.23 -4.86 -14.54
CA MET C 379 5.84 -5.70 -13.41
C MET C 379 5.32 -7.06 -13.90
N ALA C 380 4.45 -7.02 -14.89
CA ALA C 380 3.88 -8.25 -15.44
C ALA C 380 5.01 -9.18 -15.88
N ALA C 381 5.98 -8.60 -16.58
CA ALA C 381 7.13 -9.35 -17.05
C ALA C 381 7.94 -9.90 -15.88
N THR C 382 8.16 -9.07 -14.89
CA THR C 382 8.96 -9.46 -13.73
C THR C 382 8.32 -10.63 -12.98
N ASN C 383 7.00 -10.61 -12.86
CA ASN C 383 6.33 -11.68 -12.14
C ASN C 383 6.06 -12.88 -13.03
N ALA C 384 6.25 -12.70 -14.33
CA ALA C 384 6.24 -13.84 -15.25
C ALA C 384 7.57 -14.56 -15.22
N GLY C 385 8.62 -13.83 -14.86
CA GLY C 385 9.98 -14.37 -14.89
C GLY C 385 10.69 -13.93 -16.14
N ALA C 386 10.06 -13.04 -16.90
CA ALA C 386 10.65 -12.53 -18.13
C ALA C 386 11.71 -11.47 -17.81
N LYS C 387 12.74 -11.39 -18.64
CA LYS C 387 13.78 -10.39 -18.44
C LYS C 387 13.28 -9.02 -18.88
N VAL C 388 13.56 -8.00 -18.06
CA VAL C 388 13.15 -6.65 -18.41
C VAL C 388 14.39 -5.79 -18.58
N ILE C 389 14.66 -5.42 -19.83
CA ILE C 389 15.85 -4.67 -20.15
C ILE C 389 15.48 -3.29 -20.66
N VAL C 390 16.08 -2.27 -20.05
CA VAL C 390 15.79 -0.89 -20.40
C VAL C 390 16.93 -0.33 -21.23
N LEU C 391 16.59 0.37 -22.31
CA LEU C 391 17.60 1.03 -23.12
C LEU C 391 17.57 2.55 -22.91
N CYS C 392 18.72 3.15 -22.60
CA CYS C 392 18.73 4.56 -22.26
C CYS C 392 20.10 5.22 -22.45
N GLU C 393 20.10 6.44 -22.97
CA GLU C 393 21.35 7.21 -23.10
C GLU C 393 21.74 7.80 -21.75
N THR C 394 23.04 7.98 -21.55
CA THR C 394 23.55 8.49 -20.28
C THR C 394 23.11 9.94 -20.03
N ILE C 395 22.85 10.67 -21.11
CA ILE C 395 22.36 12.04 -21.00
C ILE C 395 21.06 12.14 -20.20
N ASN C 396 20.38 11.01 -20.03
CA ASN C 396 19.07 11.00 -19.38
C ASN C 396 19.10 10.52 -17.92
N PHE C 397 20.29 10.27 -17.38
CA PHE C 397 20.39 9.87 -15.98
C PHE C 397 20.35 11.07 -15.05
N ASP C 398 19.42 11.06 -14.10
CA ASP C 398 19.28 12.16 -13.15
C ASP C 398 19.81 11.71 -11.79
N ARG C 399 21.06 12.07 -11.53
CA ARG C 399 21.74 11.77 -10.28
C ARG C 399 21.16 12.57 -9.13
N GLU C 400 20.84 13.83 -9.43
CA GLU C 400 20.32 14.80 -8.47
C GLU C 400 18.95 14.52 -7.85
N ARG C 401 18.01 14.01 -8.64
CA ARG C 401 16.66 13.77 -8.14
C ARG C 401 16.22 12.32 -7.97
N VAL C 402 15.46 12.06 -6.91
CA VAL C 402 14.94 10.73 -6.65
C VAL C 402 13.43 10.76 -6.59
N SER C 403 12.78 9.81 -7.27
CA SER C 403 11.33 9.68 -7.25
C SER C 403 10.95 8.30 -6.76
N VAL C 404 10.06 8.26 -5.75
CA VAL C 404 9.59 6.99 -5.19
C VAL C 404 8.20 6.62 -5.67
N ASP C 405 7.51 7.57 -6.30
CA ASP C 405 6.20 7.30 -6.87
C ASP C 405 5.97 8.10 -8.16
N ALA C 406 4.95 7.71 -8.91
CA ALA C 406 4.62 8.37 -10.17
C ALA C 406 4.15 9.81 -9.97
N LEU C 407 3.64 10.11 -8.77
CA LEU C 407 3.09 11.43 -8.47
C LEU C 407 4.12 12.54 -8.26
N THR C 408 5.32 12.20 -7.80
CA THR C 408 6.36 13.21 -7.52
C THR C 408 6.81 13.99 -8.76
N TYR C 409 7.08 13.27 -9.84
CA TYR C 409 7.52 13.90 -11.09
C TYR C 409 6.67 13.36 -12.22
N ASN C 410 5.68 14.12 -12.66
CA ASN C 410 4.77 13.68 -13.72
C ASN C 410 4.24 14.87 -14.52
N GLU C 411 3.57 14.58 -15.63
CA GLU C 411 2.96 15.61 -16.45
C GLU C 411 1.52 15.24 -16.84
N ILE C 412 0.59 16.17 -16.71
CA ILE C 412 -0.81 15.91 -17.04
C ILE C 412 -1.07 16.07 -18.54
N ASP C 413 -1.94 15.22 -19.07
CA ASP C 413 -2.39 15.32 -20.46
C ASP C 413 -3.21 16.60 -20.58
N PRO C 414 -2.80 17.50 -21.49
CA PRO C 414 -3.42 18.81 -21.68
C PRO C 414 -4.91 18.78 -22.01
N GLU C 415 -5.36 17.77 -22.75
CA GLU C 415 -6.77 17.64 -23.12
C GLU C 415 -7.62 16.96 -22.03
N ARG C 416 -6.99 16.09 -21.25
CA ARG C 416 -7.67 15.33 -20.20
C ARG C 416 -7.38 15.84 -18.79
N ASN C 417 -7.20 17.15 -18.66
CA ASN C 417 -7.00 17.78 -17.36
C ASN C 417 -8.18 17.61 -16.39
N THR C 418 -9.40 17.66 -16.95
CA THR C 418 -10.64 17.63 -16.18
C THR C 418 -10.87 16.36 -15.36
N GLY C 419 -11.70 16.47 -14.34
CA GLY C 419 -12.06 15.35 -13.49
C GLY C 419 -12.90 14.28 -14.17
N ASP C 420 -13.75 14.69 -15.11
CA ASP C 420 -14.57 13.75 -15.88
C ASP C 420 -13.73 12.82 -16.75
N CYS C 421 -12.67 13.35 -17.31
CA CYS C 421 -11.73 12.55 -18.09
C CYS C 421 -10.30 12.91 -17.74
N PHE C 422 -9.60 12.02 -17.03
CA PHE C 422 -8.27 12.35 -16.53
C PHE C 422 -7.18 11.35 -16.92
N ARG C 423 -6.01 11.86 -17.30
CA ARG C 423 -4.89 11.01 -17.69
C ARG C 423 -3.52 11.61 -17.37
N LEU C 424 -2.60 10.77 -16.93
CA LEU C 424 -1.22 11.19 -16.69
C LEU C 424 -0.32 10.62 -17.77
N LEU C 425 0.59 11.45 -18.28
CA LEU C 425 1.42 11.11 -19.44
C LEU C 425 2.47 10.03 -19.15
N PHE C 426 3.03 10.05 -17.95
CA PHE C 426 4.14 9.15 -17.61
C PHE C 426 3.84 8.35 -16.36
N ASP C 427 4.60 7.27 -16.16
CA ASP C 427 4.59 6.53 -14.91
C ASP C 427 6.00 6.12 -14.48
N ASN C 428 6.11 5.74 -13.21
CA ASN C 428 7.38 5.40 -12.59
C ASN C 428 7.54 3.89 -12.41
N THR C 429 8.66 3.37 -12.90
CA THR C 429 8.97 1.94 -12.81
C THR C 429 10.11 1.66 -11.82
N HIS C 430 9.82 1.00 -10.71
CA HIS C 430 10.82 0.74 -9.68
C HIS C 430 11.96 -0.12 -10.22
N GLU C 431 13.14 0.03 -9.60
CA GLU C 431 14.32 -0.75 -9.95
C GLU C 431 14.04 -2.24 -9.73
N ARG C 432 13.07 -2.47 -8.84
CA ARG C 432 12.52 -3.78 -8.51
C ARG C 432 12.09 -4.60 -9.73
N TYR C 433 11.58 -3.92 -10.74
CA TYR C 433 11.04 -4.56 -11.93
C TYR C 433 11.99 -4.51 -13.13
N ILE C 434 13.18 -3.97 -12.92
CA ILE C 434 14.16 -3.85 -14.00
C ILE C 434 15.34 -4.80 -13.79
N THR C 435 15.58 -5.63 -14.81
CA THR C 435 16.67 -6.60 -14.79
C THR C 435 18.01 -5.96 -15.12
N GLY C 436 18.04 -5.17 -16.19
CA GLY C 436 19.24 -4.49 -16.59
C GLY C 436 19.02 -3.27 -17.46
N VAL C 437 20.03 -2.42 -17.48
CA VAL C 437 20.02 -1.21 -18.30
C VAL C 437 21.15 -1.26 -19.30
N ILE C 438 20.86 -0.99 -20.57
CA ILE C 438 21.90 -0.95 -21.60
C ILE C 438 22.16 0.49 -22.06
N THR C 439 23.42 0.90 -21.96
CA THR C 439 23.83 2.25 -22.34
C THR C 439 25.08 2.18 -23.22
N GLU C 440 25.52 3.34 -23.73
CA GLU C 440 26.74 3.38 -24.53
C GLU C 440 27.96 3.07 -23.65
N ILE C 441 27.86 3.48 -22.38
CA ILE C 441 28.95 3.32 -21.42
C ILE C 441 28.96 1.93 -20.79
N PRO D 10 -33.65 -5.30 -30.79
CA PRO D 10 -32.79 -4.18 -30.43
C PRO D 10 -32.50 -4.24 -28.93
N SER D 11 -33.53 -4.66 -28.22
CA SER D 11 -33.56 -4.82 -26.77
C SER D 11 -34.72 -5.78 -26.61
N LEU D 12 -34.93 -6.36 -25.44
CA LEU D 12 -35.99 -7.36 -25.44
C LEU D 12 -36.88 -7.49 -24.22
N ALA D 13 -37.47 -6.38 -23.78
CA ALA D 13 -38.55 -6.43 -22.81
C ALA D 13 -39.73 -7.00 -23.60
N THR D 14 -39.84 -6.52 -24.84
CA THR D 14 -40.82 -6.97 -25.82
C THR D 14 -40.75 -8.47 -26.06
N TRP D 15 -39.53 -9.01 -26.13
CA TRP D 15 -39.30 -10.44 -26.31
C TRP D 15 -39.74 -11.26 -25.10
N THR D 16 -39.43 -10.77 -23.89
CA THR D 16 -39.81 -11.48 -22.67
C THR D 16 -41.33 -11.54 -22.50
N LYS D 17 -41.98 -10.44 -22.86
CA LYS D 17 -43.44 -10.34 -22.84
C LYS D 17 -44.00 -11.25 -23.93
N SER D 18 -43.31 -11.25 -25.07
CA SER D 18 -43.72 -12.02 -26.25
C SER D 18 -43.12 -13.42 -26.35
N LEU D 19 -42.34 -13.81 -25.34
CA LEU D 19 -41.73 -15.13 -25.38
C LEU D 19 -42.79 -16.23 -25.42
N ARG D 20 -43.84 -16.07 -24.63
CA ARG D 20 -44.92 -17.04 -24.58
C ARG D 20 -45.65 -17.16 -25.92
N ASP D 21 -45.85 -16.03 -26.58
CA ASP D 21 -46.56 -15.98 -27.86
C ASP D 21 -45.89 -16.74 -29.00
N GLN D 22 -44.58 -16.61 -29.14
CA GLN D 22 -43.83 -17.28 -30.20
C GLN D 22 -43.63 -18.77 -30.02
N SER D 23 -43.43 -19.48 -31.13
CA SER D 23 -43.20 -20.91 -31.09
C SER D 23 -41.89 -21.08 -30.34
N LEU D 24 -41.78 -22.12 -29.53
CA LEU D 24 -40.54 -22.28 -28.76
C LEU D 24 -39.25 -22.09 -29.57
N GLU D 25 -39.19 -22.71 -30.75
CA GLU D 25 -38.00 -22.65 -31.60
C GLU D 25 -37.70 -21.23 -32.04
N ALA D 26 -38.74 -20.47 -32.38
CA ALA D 26 -38.53 -19.11 -32.82
C ALA D 26 -37.88 -18.32 -31.69
N SER D 27 -38.37 -18.53 -30.48
CA SER D 27 -37.83 -17.85 -29.32
C SER D 27 -36.38 -18.24 -29.11
N ILE D 28 -36.07 -19.52 -29.29
CA ILE D 28 -34.71 -19.98 -29.12
C ILE D 28 -33.79 -19.31 -30.12
N GLU D 29 -34.26 -19.20 -31.36
CA GLU D 29 -33.46 -18.57 -32.40
C GLU D 29 -33.22 -17.12 -32.07
N SER D 30 -34.26 -16.45 -31.55
CA SER D 30 -34.13 -15.05 -31.20
C SER D 30 -33.10 -14.90 -30.09
N LEU D 31 -33.14 -15.80 -29.13
CA LEU D 31 -32.21 -15.76 -28.02
C LEU D 31 -30.78 -15.93 -28.53
N ILE D 32 -30.62 -16.86 -29.47
CA ILE D 32 -29.30 -17.12 -30.04
C ILE D 32 -28.80 -15.88 -30.76
N PHE D 33 -29.69 -15.23 -31.49
CA PHE D 33 -29.31 -14.02 -32.22
C PHE D 33 -28.87 -12.94 -31.25
N LEU D 34 -29.60 -12.81 -30.15
CA LEU D 34 -29.28 -11.82 -29.14
C LEU D 34 -27.90 -12.11 -28.56
N LEU D 35 -27.63 -13.39 -28.31
CA LEU D 35 -26.35 -13.79 -27.77
C LEU D 35 -25.22 -13.45 -28.73
N LYS D 36 -25.47 -13.69 -30.02
CA LYS D 36 -24.47 -13.39 -31.04
C LYS D 36 -24.20 -11.89 -31.05
N ARG D 37 -25.27 -11.11 -30.92
CA ARG D 37 -25.16 -9.66 -30.89
C ARG D 37 -24.35 -9.29 -29.66
N ARG D 38 -24.60 -10.02 -28.58
CA ARG D 38 -23.90 -9.81 -27.29
C ARG D 38 -24.29 -8.58 -26.44
N GLN D 39 -25.34 -7.90 -26.89
CA GLN D 39 -25.87 -6.70 -26.24
C GLN D 39 -26.39 -6.99 -24.85
N VAL D 40 -27.04 -8.14 -24.69
CA VAL D 40 -27.59 -8.52 -23.41
C VAL D 40 -26.52 -8.62 -22.35
N THR D 41 -26.82 -8.12 -21.17
CA THR D 41 -25.89 -8.14 -20.05
C THR D 41 -25.66 -9.58 -19.60
N GLY D 42 -24.47 -9.85 -19.09
CA GLY D 42 -24.17 -11.19 -18.63
C GLY D 42 -25.15 -11.53 -17.53
N ASP D 43 -25.40 -10.55 -16.67
CA ASP D 43 -26.34 -10.76 -15.58
C ASP D 43 -27.72 -11.03 -16.16
N GLU D 44 -28.09 -10.24 -17.17
CA GLU D 44 -29.37 -10.41 -17.85
C GLU D 44 -29.39 -11.75 -18.55
N CYS D 45 -28.27 -12.08 -19.17
CA CYS D 45 -28.12 -13.34 -19.90
C CYS D 45 -28.56 -14.53 -19.07
N ALA D 46 -28.21 -14.54 -17.80
CA ALA D 46 -28.58 -15.66 -16.93
C ALA D 46 -30.09 -15.74 -16.80
N GLY D 47 -30.73 -14.59 -16.65
CA GLY D 47 -32.17 -14.55 -16.51
C GLY D 47 -32.89 -15.06 -17.74
N ALA D 48 -32.39 -14.68 -18.91
CA ALA D 48 -33.00 -15.12 -20.16
C ALA D 48 -32.93 -16.63 -20.31
N ILE D 49 -31.78 -17.20 -19.96
CA ILE D 49 -31.61 -18.65 -20.07
C ILE D 49 -32.64 -19.36 -19.20
N ALA D 50 -32.76 -18.92 -17.94
CA ALA D 50 -33.69 -19.53 -17.00
C ALA D 50 -35.12 -19.48 -17.54
N GLN D 51 -35.53 -18.30 -18.00
CA GLN D 51 -36.88 -18.09 -18.50
C GLN D 51 -37.16 -18.96 -19.73
N LEU D 52 -36.21 -18.93 -20.66
CA LEU D 52 -36.33 -19.66 -21.91
C LEU D 52 -36.50 -21.15 -21.62
N LEU D 53 -35.70 -21.66 -20.67
CA LEU D 53 -35.79 -23.06 -20.31
C LEU D 53 -37.11 -23.37 -19.59
N ARG D 54 -37.62 -22.40 -18.83
CA ARG D 54 -38.90 -22.61 -18.15
C ARG D 54 -40.00 -22.82 -19.17
N GLN D 55 -40.06 -21.94 -20.17
CA GLN D 55 -41.06 -22.08 -21.22
C GLN D 55 -40.77 -23.28 -22.12
N VAL D 56 -39.51 -23.70 -22.17
CA VAL D 56 -39.21 -24.99 -22.82
C VAL D 56 -40.01 -26.05 -22.08
N VAL D 57 -39.82 -26.12 -20.76
CA VAL D 57 -40.50 -27.10 -19.92
C VAL D 57 -42.02 -27.02 -20.10
N ALA D 58 -42.52 -25.80 -20.21
CA ALA D 58 -43.96 -25.57 -20.34
C ALA D 58 -44.51 -26.06 -21.67
N LYS D 59 -43.81 -25.76 -22.76
CA LYS D 59 -44.34 -26.06 -24.09
C LYS D 59 -43.65 -27.18 -24.88
N SER D 60 -42.63 -27.82 -24.32
CA SER D 60 -41.92 -28.83 -25.10
C SER D 60 -42.74 -30.12 -25.11
N LYS D 61 -42.54 -30.93 -26.15
CA LYS D 61 -43.08 -32.28 -26.20
C LYS D 61 -42.31 -33.33 -25.39
N TRP D 62 -42.76 -33.56 -24.15
CA TRP D 62 -42.14 -34.51 -23.23
C TRP D 62 -43.22 -35.28 -22.46
N HIS D 63 -42.99 -36.57 -22.25
CA HIS D 63 -43.95 -37.45 -21.54
C HIS D 63 -43.40 -38.31 -20.39
N ASP D 64 -42.10 -38.23 -20.16
CA ASP D 64 -41.40 -38.90 -19.05
C ASP D 64 -40.22 -37.99 -18.59
N VAL D 65 -39.63 -38.24 -17.41
CA VAL D 65 -38.52 -37.39 -16.89
C VAL D 65 -37.23 -37.28 -17.76
N ASP D 66 -36.78 -38.41 -18.31
CA ASP D 66 -35.55 -38.45 -19.09
C ASP D 66 -35.73 -37.59 -20.32
N GLN D 67 -36.96 -37.50 -20.81
CA GLN D 67 -37.27 -36.64 -21.93
C GLN D 67 -36.96 -35.20 -21.57
N LEU D 68 -37.31 -34.80 -20.34
CA LEU D 68 -37.05 -33.45 -19.89
C LEU D 68 -35.58 -33.24 -19.99
N LEU D 69 -34.84 -34.18 -19.41
CA LEU D 69 -33.40 -34.03 -19.37
C LEU D 69 -32.87 -33.83 -20.79
N TYR D 70 -33.37 -34.61 -21.74
CA TYR D 70 -32.92 -34.49 -23.13
C TYR D 70 -33.26 -33.14 -23.78
N ARG D 71 -34.44 -32.60 -23.46
CA ARG D 71 -34.93 -31.40 -24.13
C ARG D 71 -34.28 -30.14 -23.58
N VAL D 72 -34.14 -30.08 -22.27
CA VAL D 72 -33.45 -28.95 -21.69
C VAL D 72 -31.95 -29.04 -21.97
N GLN D 73 -31.36 -30.23 -22.10
CA GLN D 73 -29.93 -30.25 -22.50
C GLN D 73 -29.69 -29.97 -23.97
N THR D 74 -30.62 -30.33 -24.84
CA THR D 74 -30.41 -29.98 -26.24
C THR D 74 -30.53 -28.46 -26.34
N ALA D 75 -31.56 -27.89 -25.71
CA ALA D 75 -31.73 -26.44 -25.74
C ALA D 75 -30.51 -25.73 -25.14
N GLY D 76 -30.14 -26.16 -23.94
CA GLY D 76 -29.00 -25.59 -23.23
C GLY D 76 -27.69 -25.71 -23.96
N ALA D 77 -27.48 -26.82 -24.65
CA ALA D 77 -26.28 -27.01 -25.45
C ALA D 77 -26.25 -26.03 -26.61
N ARG D 78 -27.38 -25.86 -27.28
CA ARG D 78 -27.44 -24.92 -28.40
C ARG D 78 -27.15 -23.51 -27.89
N LEU D 79 -27.66 -23.24 -26.69
CA LEU D 79 -27.50 -21.93 -26.07
C LEU D 79 -26.05 -21.72 -25.67
N ALA D 80 -25.38 -22.81 -25.33
CA ALA D 80 -23.96 -22.80 -24.99
C ALA D 80 -23.08 -22.52 -26.21
N ARG D 81 -23.39 -23.14 -27.35
CA ARG D 81 -22.66 -22.86 -28.59
C ARG D 81 -22.90 -21.42 -29.00
N ALA D 82 -24.06 -20.89 -28.64
CA ALA D 82 -24.39 -19.50 -28.94
C ALA D 82 -23.40 -18.49 -28.38
N ALA D 83 -23.15 -18.58 -27.08
CA ALA D 83 -22.28 -17.64 -26.40
C ALA D 83 -21.26 -18.37 -25.54
N PRO D 84 -20.14 -18.77 -26.15
CA PRO D 84 -19.04 -19.42 -25.43
C PRO D 84 -18.41 -18.49 -24.39
N HIS D 85 -18.49 -17.18 -24.62
CA HIS D 85 -17.92 -16.21 -23.69
C HIS D 85 -18.58 -16.21 -22.30
N GLU D 86 -19.89 -16.46 -22.21
CA GLU D 86 -20.56 -16.57 -20.91
C GLU D 86 -20.83 -18.01 -20.49
N PRO D 87 -20.15 -18.48 -19.44
CA PRO D 87 -20.33 -19.85 -18.96
C PRO D 87 -21.45 -19.95 -17.92
N VAL D 88 -22.06 -18.83 -17.55
CA VAL D 88 -23.17 -18.83 -16.60
C VAL D 88 -24.34 -19.65 -17.14
N ILE D 89 -24.48 -19.66 -18.46
CA ILE D 89 -25.54 -20.40 -19.14
C ILE D 89 -25.51 -21.87 -18.75
N GLY D 90 -24.32 -22.48 -18.82
CA GLY D 90 -24.16 -23.87 -18.47
C GLY D 90 -24.63 -24.12 -17.06
N ASN D 91 -24.20 -23.28 -16.13
CA ASN D 91 -24.58 -23.42 -14.72
C ASN D 91 -26.10 -23.40 -14.54
N ILE D 92 -26.75 -22.43 -15.17
CA ILE D 92 -28.20 -22.32 -15.09
C ILE D 92 -28.86 -23.62 -15.59
N VAL D 93 -28.40 -24.08 -16.76
CA VAL D 93 -28.92 -25.31 -17.35
C VAL D 93 -28.80 -26.53 -16.42
N ARG D 94 -27.60 -26.78 -15.89
CA ARG D 94 -27.41 -27.95 -15.03
C ARG D 94 -28.19 -27.79 -13.73
N ARG D 95 -28.39 -26.55 -13.28
CA ARG D 95 -29.15 -26.33 -12.05
C ARG D 95 -30.62 -26.74 -12.26
N VAL D 96 -31.15 -26.33 -13.41
CA VAL D 96 -32.51 -26.72 -13.79
C VAL D 96 -32.60 -28.25 -13.83
N LEU D 97 -31.59 -28.86 -14.43
CA LEU D 97 -31.56 -30.32 -14.57
C LEU D 97 -31.50 -30.99 -13.22
N GLY D 98 -30.72 -30.41 -12.31
CA GLY D 98 -30.59 -30.97 -10.98
C GLY D 98 -31.96 -30.94 -10.31
N LEU D 99 -32.68 -29.86 -10.52
CA LEU D 99 -34.00 -29.71 -9.92
C LEU D 99 -34.94 -30.78 -10.43
N ILE D 100 -34.89 -31.04 -11.73
CA ILE D 100 -35.74 -32.04 -12.33
C ILE D 100 -35.41 -33.41 -11.75
N ARG D 101 -34.12 -33.67 -11.61
CA ARG D 101 -33.67 -34.96 -11.08
C ARG D 101 -34.16 -35.12 -9.64
N ASP D 102 -34.09 -34.05 -8.87
CA ASP D 102 -34.53 -34.09 -7.48
C ASP D 102 -36.01 -34.40 -7.44
N GLU D 103 -36.77 -33.79 -8.32
CA GLU D 103 -38.20 -34.03 -8.36
C GLU D 103 -38.48 -35.49 -8.70
N ALA D 104 -37.71 -36.03 -9.64
CA ALA D 104 -37.87 -37.41 -10.05
C ALA D 104 -37.56 -38.35 -8.89
N SER D 105 -36.53 -38.01 -8.11
CA SER D 105 -36.14 -38.79 -6.96
C SER D 105 -37.25 -38.78 -5.93
N GLU D 106 -37.85 -37.60 -5.76
CA GLU D 106 -38.93 -37.43 -4.80
C GLU D 106 -40.10 -38.31 -5.22
N ASN D 107 -40.35 -38.35 -6.53
CA ASN D 107 -41.43 -39.15 -7.09
C ASN D 107 -41.50 -40.53 -6.45
N SER D 181 -48.50 -38.20 -14.38
CA SER D 181 -47.74 -37.52 -13.35
C SER D 181 -46.88 -36.38 -13.91
N VAL D 182 -47.05 -36.11 -15.21
CA VAL D 182 -46.27 -35.10 -15.91
C VAL D 182 -46.60 -33.67 -15.48
N HIS D 183 -47.86 -33.41 -15.14
CA HIS D 183 -48.30 -32.05 -14.90
C HIS D 183 -47.81 -31.46 -13.57
N ALA D 184 -47.88 -32.27 -12.51
CA ALA D 184 -47.37 -31.83 -11.22
C ALA D 184 -45.87 -31.56 -11.30
N LEU D 185 -45.16 -32.49 -11.95
CA LEU D 185 -43.71 -32.37 -12.13
C LEU D 185 -43.42 -31.12 -12.94
N ARG D 186 -44.24 -30.90 -13.97
CA ARG D 186 -44.16 -29.74 -14.83
C ARG D 186 -44.21 -28.47 -14.02
N SER D 187 -45.17 -28.38 -13.11
CA SER D 187 -45.35 -27.10 -12.45
C SER D 187 -44.40 -26.90 -11.27
N GLU D 188 -43.87 -27.98 -10.70
CA GLU D 188 -42.82 -27.80 -9.69
C GLU D 188 -41.49 -27.43 -10.33
N VAL D 189 -41.20 -28.01 -11.48
CA VAL D 189 -40.00 -27.61 -12.23
C VAL D 189 -40.13 -26.15 -12.64
N MET D 190 -41.30 -25.78 -13.15
CA MET D 190 -41.53 -24.40 -13.61
C MET D 190 -41.43 -23.37 -12.47
N ASP D 191 -42.03 -23.66 -11.32
CA ASP D 191 -41.95 -22.71 -10.20
C ASP D 191 -40.56 -22.71 -9.54
N GLY D 192 -39.85 -23.83 -9.64
CA GLY D 192 -38.47 -23.88 -9.20
C GLY D 192 -37.64 -22.93 -10.05
N ILE D 193 -37.89 -22.97 -11.36
CA ILE D 193 -37.20 -22.07 -12.27
C ILE D 193 -37.57 -20.62 -11.97
N GLU D 194 -38.82 -20.38 -11.60
CA GLU D 194 -39.23 -19.04 -11.21
C GLU D 194 -38.46 -18.53 -10.00
N GLU D 195 -38.27 -19.41 -9.02
CA GLU D 195 -37.50 -19.03 -7.83
C GLU D 195 -36.04 -18.80 -8.19
N ILE D 196 -35.52 -19.55 -9.15
CA ILE D 196 -34.18 -19.27 -9.66
C ILE D 196 -34.15 -17.86 -10.27
N LEU D 197 -35.21 -17.53 -10.99
CA LEU D 197 -35.28 -16.30 -11.76
C LEU D 197 -35.26 -15.10 -10.82
N ASP D 198 -36.09 -15.14 -9.78
CA ASP D 198 -36.16 -13.98 -8.90
C ASP D 198 -34.94 -13.96 -7.96
N GLU D 199 -34.37 -15.12 -7.64
CA GLU D 199 -33.09 -15.17 -6.93
C GLU D 199 -32.03 -14.38 -7.68
N ILE D 200 -31.95 -14.67 -8.98
CA ILE D 200 -31.05 -13.98 -9.88
C ILE D 200 -31.30 -12.48 -9.87
N ASN D 201 -32.58 -12.10 -9.89
CA ASN D 201 -32.93 -10.68 -9.94
C ASN D 201 -32.71 -9.89 -8.65
N GLN D 202 -32.78 -10.53 -7.48
CA GLN D 202 -32.49 -9.78 -6.25
C GLN D 202 -31.07 -10.05 -5.74
N ALA D 203 -30.31 -10.80 -6.55
CA ALA D 203 -28.89 -11.02 -6.26
C ALA D 203 -28.12 -9.71 -6.12
N ASP D 204 -28.39 -8.75 -7.00
CA ASP D 204 -27.65 -7.48 -6.97
C ASP D 204 -27.81 -6.73 -5.65
N ASP D 205 -29.06 -6.60 -5.19
CA ASP D 205 -29.32 -5.87 -3.95
C ASP D 205 -28.83 -6.65 -2.74
N GLN D 206 -28.97 -7.97 -2.79
CA GLN D 206 -28.47 -8.79 -1.69
C GLN D 206 -26.94 -8.64 -1.55
N ILE D 207 -26.25 -8.54 -2.68
CA ILE D 207 -24.82 -8.30 -2.66
C ILE D 207 -24.53 -6.90 -2.15
N ALA D 208 -25.30 -5.94 -2.63
CA ALA D 208 -25.12 -4.53 -2.27
C ALA D 208 -25.34 -4.29 -0.78
N SER D 209 -26.05 -5.19 -0.10
CA SER D 209 -26.26 -5.05 1.34
C SER D 209 -24.96 -5.12 2.15
N PHE D 210 -23.91 -5.68 1.55
CA PHE D 210 -22.61 -5.79 2.22
C PHE D 210 -21.66 -4.63 1.95
N ALA D 211 -22.09 -3.72 1.08
CA ALA D 211 -21.28 -2.59 0.67
C ALA D 211 -20.92 -1.72 1.87
N GLU D 212 -21.88 -1.53 2.77
CA GLU D 212 -21.69 -0.68 3.93
C GLU D 212 -20.56 -1.23 4.82
N ILE D 213 -20.47 -2.56 4.88
CA ILE D 213 -19.38 -3.22 5.62
C ILE D 213 -18.04 -3.14 4.90
N GLN D 214 -18.04 -3.38 3.59
CA GLN D 214 -16.77 -3.42 2.87
C GLN D 214 -16.16 -2.04 2.60
N ILE D 215 -17.01 -1.02 2.44
CA ILE D 215 -16.53 0.32 2.18
C ILE D 215 -16.64 1.22 3.42
N HIS D 216 -15.56 1.91 3.74
CA HIS D 216 -15.48 2.75 4.93
C HIS D 216 -15.49 4.22 4.53
N PRO D 217 -15.78 5.12 5.49
CA PRO D 217 -15.73 6.54 5.17
C PRO D 217 -14.35 7.00 4.72
N GLY D 218 -14.28 7.75 3.63
CA GLY D 218 -13.01 8.25 3.15
C GLY D 218 -12.24 7.24 2.33
N ASP D 219 -12.88 6.11 2.02
CA ASP D 219 -12.23 5.08 1.23
C ASP D 219 -11.99 5.52 -0.21
N TYR D 220 -10.97 4.93 -0.83
CA TYR D 220 -10.72 5.13 -2.25
C TYR D 220 -10.88 3.81 -2.99
N VAL D 221 -11.89 3.78 -3.86
CA VAL D 221 -12.30 2.56 -4.53
C VAL D 221 -12.04 2.65 -6.02
N LEU D 222 -11.17 1.79 -6.52
CA LEU D 222 -10.94 1.69 -7.95
C LEU D 222 -11.93 0.67 -8.50
N ALA D 223 -12.96 1.17 -9.17
CA ALA D 223 -13.95 0.31 -9.80
C ALA D 223 -13.58 0.09 -11.26
N TYR D 224 -13.19 -1.13 -11.61
CA TYR D 224 -12.77 -1.35 -13.01
C TYR D 224 -13.91 -1.92 -13.86
N GLN D 225 -14.21 -1.22 -14.95
CA GLN D 225 -15.30 -1.59 -15.87
C GLN D 225 -16.56 -2.00 -15.13
N PRO D 226 -17.12 -1.08 -14.32
CA PRO D 226 -18.17 -1.41 -13.36
C PRO D 226 -19.41 -2.04 -14.00
N SER D 227 -19.71 -3.27 -13.56
CA SER D 227 -20.91 -4.00 -13.94
C SER D 227 -22.10 -3.44 -13.17
N LYS D 228 -23.32 -3.74 -13.63
CA LYS D 228 -24.54 -3.16 -13.06
C LYS D 228 -24.69 -3.56 -11.58
N THR D 229 -24.17 -4.75 -11.29
CA THR D 229 -24.00 -5.22 -9.93
C THR D 229 -23.12 -4.27 -9.14
N VAL D 230 -21.97 -3.95 -9.73
CA VAL D 230 -21.03 -3.03 -9.12
C VAL D 230 -21.62 -1.64 -8.96
N GLU D 231 -22.36 -1.17 -9.96
CA GLU D 231 -22.90 0.19 -9.89
C GLU D 231 -23.91 0.29 -8.77
N ARG D 232 -24.72 -0.73 -8.58
CA ARG D 232 -25.73 -0.61 -7.53
C ARG D 232 -25.09 -0.88 -6.15
N PHE D 233 -24.01 -1.66 -6.16
CA PHE D 233 -23.17 -1.85 -4.99
C PHE D 233 -22.62 -0.51 -4.51
N LEU D 234 -22.07 0.24 -5.44
CA LEU D 234 -21.49 1.54 -5.16
C LEU D 234 -22.57 2.54 -4.76
N VAL D 235 -23.76 2.43 -5.36
CA VAL D 235 -24.84 3.36 -5.03
C VAL D 235 -25.35 3.16 -3.59
N LYS D 236 -25.47 1.92 -3.14
CA LYS D 236 -26.02 1.77 -1.80
C LYS D 236 -24.88 1.86 -0.79
N ALA D 237 -23.65 1.73 -1.28
CA ALA D 237 -22.50 2.12 -0.47
C ALA D 237 -22.54 3.63 -0.25
N ALA D 238 -22.93 4.35 -1.30
CA ALA D 238 -23.02 5.79 -1.28
C ALA D 238 -24.12 6.27 -0.34
N SER D 239 -25.20 5.50 -0.21
CA SER D 239 -26.30 5.95 0.64
C SER D 239 -25.88 6.09 2.11
N LYS D 240 -24.93 5.28 2.58
CA LYS D 240 -24.53 5.33 3.99
C LYS D 240 -23.05 5.67 4.22
N ARG D 241 -22.31 6.00 3.17
CA ARG D 241 -20.90 6.34 3.34
C ARG D 241 -20.48 7.49 2.43
N ARG D 242 -19.46 8.22 2.86
CA ARG D 242 -18.87 9.23 1.98
C ARG D 242 -17.47 8.77 1.56
N PHE D 243 -17.28 8.58 0.27
CA PHE D 243 -16.03 8.03 -0.24
C PHE D 243 -15.77 8.42 -1.68
N THR D 244 -14.63 8.00 -2.23
CA THR D 244 -14.26 8.37 -3.58
C THR D 244 -14.16 7.15 -4.50
N VAL D 245 -14.72 7.28 -5.70
CA VAL D 245 -14.65 6.22 -6.69
C VAL D 245 -13.73 6.59 -7.84
N ILE D 246 -12.81 5.70 -8.18
CA ILE D 246 -11.95 5.93 -9.34
C ILE D 246 -12.33 4.95 -10.43
N LEU D 247 -12.83 5.48 -11.55
CA LEU D 247 -13.36 4.65 -12.62
C LEU D 247 -12.33 4.39 -13.72
N ALA D 248 -11.97 3.13 -13.89
CA ALA D 248 -11.01 2.75 -14.91
C ALA D 248 -11.65 1.87 -15.98
N SER D 249 -11.37 2.17 -17.24
CA SER D 249 -11.85 1.38 -18.38
C SER D 249 -10.68 1.01 -19.29
N LEU D 250 -10.80 -0.12 -19.97
CA LEU D 250 -9.71 -0.62 -20.81
C LEU D 250 -9.41 0.26 -22.00
N ASN D 251 -10.47 0.64 -22.71
CA ASN D 251 -10.33 1.39 -23.95
C ASN D 251 -11.02 2.74 -23.88
N PRO D 252 -10.55 3.70 -24.69
CA PRO D 252 -11.24 4.99 -24.78
C PRO D 252 -12.57 4.85 -25.50
N PRO D 253 -13.52 5.77 -25.25
CA PRO D 253 -14.81 5.72 -25.94
C PRO D 253 -14.65 5.88 -27.46
N ALA D 254 -15.43 5.14 -28.23
CA ALA D 254 -15.34 5.18 -29.69
C ALA D 254 -15.71 6.55 -30.24
N GLN D 260 -18.61 9.96 -23.48
CA GLN D 260 -17.88 9.78 -22.24
C GLN D 260 -18.49 8.62 -21.45
N PRO D 261 -17.69 7.92 -20.64
CA PRO D 261 -18.27 6.71 -20.07
C PRO D 261 -18.83 6.92 -18.65
N TYR D 262 -19.81 6.09 -18.29
CA TYR D 262 -20.34 6.06 -16.93
C TYR D 262 -20.90 7.39 -16.41
N ALA D 263 -21.42 8.23 -17.30
CA ALA D 263 -21.91 9.56 -16.89
C ALA D 263 -23.07 9.47 -15.89
N ALA D 264 -24.05 8.64 -16.27
CA ALA D 264 -25.24 8.44 -15.46
C ALA D 264 -24.81 7.88 -14.14
N LEU D 265 -23.94 6.88 -14.17
CA LEU D 265 -23.42 6.31 -12.95
C LEU D 265 -22.63 7.33 -12.13
N ARG D 266 -21.72 8.08 -12.76
CA ARG D 266 -20.83 8.89 -11.94
C ARG D 266 -21.53 10.06 -11.23
N LYS D 267 -22.55 10.71 -11.83
CA LYS D 267 -23.12 11.81 -11.01
C LYS D 267 -24.38 11.21 -10.36
N LYS D 268 -24.75 9.97 -10.66
CA LYS D 268 -25.79 9.40 -9.82
C LYS D 268 -25.10 9.20 -8.48
N LEU D 269 -23.79 8.96 -8.57
CA LEU D 269 -22.90 8.91 -7.43
C LEU D 269 -22.62 10.26 -6.78
N ASN D 270 -22.39 11.32 -7.56
CA ASN D 270 -22.15 12.64 -6.95
C ASN D 270 -23.37 13.17 -6.23
N ALA D 271 -24.54 12.84 -6.75
CA ALA D 271 -25.78 13.21 -6.09
C ALA D 271 -25.80 12.67 -4.67
N ALA D 272 -25.34 11.43 -4.52
CA ALA D 272 -25.26 10.79 -3.21
C ALA D 272 -24.12 11.38 -2.37
N GLY D 273 -23.33 12.23 -3.01
CA GLY D 273 -22.23 12.89 -2.33
C GLY D 273 -20.88 12.22 -2.53
N VAL D 274 -20.84 11.23 -3.42
CA VAL D 274 -19.59 10.51 -3.72
C VAL D 274 -18.76 11.15 -4.83
N SER D 275 -17.48 11.38 -4.55
CA SER D 275 -16.57 11.93 -5.55
C SER D 275 -16.14 10.89 -6.58
N THR D 276 -16.14 11.29 -7.85
CA THR D 276 -15.74 10.39 -8.93
C THR D 276 -14.70 11.02 -9.84
N ILE D 277 -13.67 10.25 -10.15
CA ILE D 277 -12.69 10.64 -11.15
C ILE D 277 -12.55 9.51 -12.17
N ASN D 278 -12.73 9.83 -13.44
CA ASN D 278 -12.69 8.81 -14.48
C ASN D 278 -11.33 8.81 -15.16
N LEU D 279 -10.63 7.69 -15.05
CA LEU D 279 -9.28 7.57 -15.58
C LEU D 279 -9.28 7.22 -17.06
N ALA D 280 -8.64 8.08 -17.86
CA ALA D 280 -8.47 7.81 -19.27
C ALA D 280 -7.09 7.19 -19.51
N SER D 281 -6.62 6.43 -18.53
CA SER D 281 -5.34 5.74 -18.68
C SER D 281 -5.55 4.23 -18.83
N ASN D 282 -4.81 3.65 -19.77
CA ASN D 282 -4.67 2.21 -19.84
C ASN D 282 -3.36 1.82 -19.16
N GLY D 283 -3.44 0.98 -18.14
CA GLY D 283 -2.31 0.75 -17.26
C GLY D 283 -2.52 1.57 -16.01
N LEU D 284 -2.64 0.89 -14.88
CA LEU D 284 -3.10 1.52 -13.64
C LEU D 284 -2.05 1.56 -12.55
N MET D 285 -0.84 1.15 -12.91
CA MET D 285 0.27 1.07 -11.96
C MET D 285 0.59 2.41 -11.28
N ALA D 286 0.40 3.52 -12.01
CA ALA D 286 0.66 4.86 -11.47
C ALA D 286 -0.29 5.28 -10.34
N TYR D 287 -1.56 4.87 -10.43
CA TYR D 287 -2.58 5.36 -9.50
C TYR D 287 -2.88 4.41 -8.34
N ILE D 288 -2.45 3.16 -8.45
CA ILE D 288 -2.79 2.15 -7.45
C ILE D 288 -2.44 2.48 -5.98
N PRO D 289 -1.24 3.03 -5.71
CA PRO D 289 -0.95 3.29 -4.31
C PRO D 289 -1.93 4.24 -3.62
N ARG D 290 -2.56 5.13 -4.38
CA ARG D 290 -3.52 6.07 -3.82
C ARG D 290 -4.90 5.49 -3.51
N VAL D 291 -5.33 4.46 -4.24
CA VAL D 291 -6.62 3.82 -3.94
C VAL D 291 -6.47 2.86 -2.75
N ASN D 292 -7.56 2.61 -2.05
CA ASN D 292 -7.52 1.69 -0.91
C ASN D 292 -7.98 0.28 -1.26
N LYS D 293 -8.86 0.16 -2.24
CA LYS D 293 -9.32 -1.17 -2.64
C LYS D 293 -9.80 -1.22 -4.08
N VAL D 294 -9.80 -2.41 -4.65
CA VAL D 294 -10.23 -2.59 -6.04
C VAL D 294 -11.51 -3.42 -6.11
N ILE D 295 -12.48 -2.95 -6.89
CA ILE D 295 -13.74 -3.66 -7.02
C ILE D 295 -14.12 -3.88 -8.49
N PHE D 296 -14.46 -5.13 -8.79
CA PHE D 296 -15.03 -5.44 -10.09
C PHE D 296 -15.98 -6.62 -10.02
N GLY D 297 -16.90 -6.68 -10.98
CA GLY D 297 -17.79 -7.81 -11.11
C GLY D 297 -17.11 -8.94 -11.86
N ALA D 298 -17.49 -10.17 -11.54
CA ALA D 298 -16.96 -11.34 -12.23
C ALA D 298 -18.04 -11.97 -13.10
N LYS D 299 -17.65 -12.40 -14.30
CA LYS D 299 -18.56 -13.06 -15.21
C LYS D 299 -18.69 -14.54 -14.83
N ALA D 300 -17.65 -15.08 -14.23
CA ALA D 300 -17.62 -16.48 -13.81
C ALA D 300 -16.60 -16.72 -12.71
N VAL D 301 -16.86 -17.72 -11.87
CA VAL D 301 -15.92 -18.14 -10.86
C VAL D 301 -15.74 -19.66 -10.95
N TYR D 302 -14.49 -20.10 -11.03
CA TYR D 302 -14.18 -21.51 -11.21
C TYR D 302 -13.86 -22.11 -9.84
N GLN D 303 -13.68 -23.43 -9.77
CA GLN D 303 -13.42 -24.10 -8.49
C GLN D 303 -12.19 -23.59 -7.77
N ASN D 304 -11.12 -23.39 -8.52
CA ASN D 304 -9.87 -22.95 -7.92
C ASN D 304 -9.93 -21.53 -7.38
N GLY D 305 -10.97 -20.79 -7.75
CA GLY D 305 -11.10 -19.41 -7.32
C GLY D 305 -10.74 -18.46 -8.44
N GLY D 306 -10.47 -19.02 -9.61
CA GLY D 306 -10.14 -18.22 -10.77
C GLY D 306 -11.35 -17.46 -11.25
N LEU D 307 -11.12 -16.32 -11.88
CA LEU D 307 -12.19 -15.46 -12.36
C LEU D 307 -12.17 -15.29 -13.86
N LEU D 308 -13.36 -15.17 -14.44
CA LEU D 308 -13.50 -14.67 -15.80
C LEU D 308 -14.02 -13.24 -15.74
N VAL D 309 -13.23 -12.29 -16.24
CA VAL D 309 -13.55 -10.87 -16.10
C VAL D 309 -13.46 -10.13 -17.44
N ASP D 310 -13.76 -8.84 -17.42
CA ASP D 310 -13.59 -8.03 -18.63
C ASP D 310 -12.10 -7.90 -18.90
N SER D 311 -11.74 -7.67 -20.16
CA SER D 311 -10.34 -7.56 -20.53
C SER D 311 -9.74 -6.33 -19.87
N GLY D 312 -8.51 -6.47 -19.36
CA GLY D 312 -7.82 -5.37 -18.73
C GLY D 312 -8.09 -5.27 -17.24
N ALA D 313 -9.03 -6.07 -16.75
CA ALA D 313 -9.28 -6.11 -15.32
C ALA D 313 -8.09 -6.74 -14.58
N CYS D 314 -7.39 -7.62 -15.28
CA CYS D 314 -6.29 -8.33 -14.67
C CYS D 314 -5.11 -7.40 -14.37
N ILE D 315 -4.91 -6.37 -15.19
CA ILE D 315 -3.82 -5.45 -14.93
C ILE D 315 -4.10 -4.67 -13.64
N ALA D 316 -5.38 -4.36 -13.43
CA ALA D 316 -5.80 -3.70 -12.21
C ALA D 316 -5.60 -4.62 -11.03
N ALA D 317 -6.00 -5.89 -11.20
CA ALA D 317 -5.91 -6.89 -10.14
C ALA D 317 -4.46 -7.16 -9.72
N GLN D 318 -3.57 -7.27 -10.69
CA GLN D 318 -2.17 -7.56 -10.43
C GLN D 318 -1.48 -6.35 -9.79
N ALA D 319 -1.73 -5.18 -10.37
CA ALA D 319 -1.18 -3.94 -9.82
C ALA D 319 -1.62 -3.76 -8.38
N ALA D 320 -2.89 -4.05 -8.12
CA ALA D 320 -3.44 -3.99 -6.77
C ALA D 320 -2.78 -5.02 -5.85
N HIS D 321 -2.58 -6.21 -6.38
CA HIS D 321 -2.00 -7.29 -5.58
C HIS D 321 -0.60 -6.97 -5.11
N GLU D 322 0.19 -6.32 -5.95
CA GLU D 322 1.57 -6.04 -5.56
C GLU D 322 1.67 -4.98 -4.47
N TYR D 323 0.66 -4.11 -4.40
CA TYR D 323 0.64 -3.10 -3.35
C TYR D 323 -0.23 -3.54 -2.18
N LEU D 324 -0.64 -4.80 -2.20
CA LEU D 324 -1.46 -5.40 -1.14
C LEU D 324 -2.76 -4.65 -0.92
N LYS D 325 -3.30 -4.10 -1.99
CA LYS D 325 -4.63 -3.52 -1.94
C LYS D 325 -5.64 -4.65 -2.13
N PRO D 326 -6.64 -4.73 -1.24
CA PRO D 326 -7.66 -5.77 -1.31
C PRO D 326 -8.41 -5.79 -2.64
N VAL D 327 -8.52 -6.97 -3.23
CA VAL D 327 -9.27 -7.17 -4.45
C VAL D 327 -10.61 -7.85 -4.17
N ILE D 328 -11.68 -7.14 -4.50
CA ILE D 328 -13.04 -7.61 -4.26
C ILE D 328 -13.77 -7.89 -5.57
N ALA D 329 -14.20 -9.13 -5.68
CA ALA D 329 -14.96 -9.57 -6.82
C ALA D 329 -16.43 -9.71 -6.43
N LEU D 330 -17.29 -9.07 -7.20
CA LEU D 330 -18.73 -9.17 -6.99
C LEU D 330 -19.30 -10.23 -7.92
N CYS D 331 -19.88 -11.28 -7.36
CA CYS D 331 -20.41 -12.34 -8.19
C CYS D 331 -21.60 -13.06 -7.57
N GLY D 332 -22.60 -13.37 -8.39
CA GLY D 332 -23.72 -14.16 -7.93
C GLY D 332 -23.34 -15.62 -7.89
N VAL D 333 -24.00 -16.37 -7.02
CA VAL D 333 -23.73 -17.81 -6.85
C VAL D 333 -23.99 -18.62 -8.11
N TYR D 334 -24.96 -18.19 -8.90
CA TYR D 334 -25.28 -18.86 -10.16
C TYR D 334 -24.09 -18.82 -11.12
N LYS D 335 -23.27 -17.79 -11.00
CA LYS D 335 -22.08 -17.67 -11.84
C LYS D 335 -20.94 -18.56 -11.34
N PHE D 336 -21.09 -19.13 -10.14
CA PHE D 336 -20.10 -20.10 -9.67
C PHE D 336 -20.09 -21.36 -10.50
N CYS D 337 -19.00 -21.53 -11.22
CA CYS D 337 -18.81 -22.70 -12.02
C CYS D 337 -18.28 -23.86 -11.21
N PRO D 338 -18.76 -25.06 -11.52
CA PRO D 338 -18.23 -26.31 -10.96
C PRO D 338 -17.09 -26.84 -11.84
N GLU D 339 -16.63 -26.00 -12.75
CA GLU D 339 -15.54 -26.45 -13.61
C GLU D 339 -14.27 -25.68 -13.26
N ASP D 340 -13.11 -26.34 -13.38
CA ASP D 340 -11.83 -25.63 -13.33
C ASP D 340 -11.63 -24.98 -14.68
N PRO D 341 -10.81 -23.93 -14.72
CA PRO D 341 -10.66 -23.31 -16.04
C PRO D 341 -9.92 -24.22 -16.99
N SER D 342 -10.24 -24.11 -18.26
CA SER D 342 -9.46 -24.76 -19.31
C SER D 342 -7.99 -24.36 -19.16
N ASP D 343 -7.10 -25.23 -19.63
CA ASP D 343 -5.68 -24.94 -19.55
C ASP D 343 -5.41 -23.76 -20.46
N GLU D 344 -6.07 -23.76 -21.61
CA GLU D 344 -5.91 -22.69 -22.58
C GLU D 344 -6.36 -21.38 -21.95
N VAL D 345 -7.47 -21.43 -21.23
CA VAL D 345 -7.98 -20.24 -20.59
C VAL D 345 -6.94 -19.76 -19.58
N SER D 346 -6.39 -20.70 -18.82
CA SER D 346 -5.37 -20.37 -17.84
C SER D 346 -4.11 -19.84 -18.51
N ARG D 347 -3.70 -20.51 -19.59
CA ARG D 347 -2.52 -20.11 -20.33
C ARG D 347 -2.65 -18.73 -20.98
N GLY D 348 -3.81 -18.49 -21.58
CA GLY D 348 -4.09 -17.23 -22.24
C GLY D 348 -5.56 -16.93 -22.35
N GLU D 349 -5.89 -15.65 -22.56
CA GLU D 349 -7.28 -15.24 -22.69
C GLU D 349 -7.94 -15.88 -23.91
N THR D 373 -9.28 -9.94 -27.24
CA THR D 373 -9.38 -10.95 -26.19
C THR D 373 -10.81 -11.06 -25.68
N THR D 374 -11.51 -9.94 -25.60
CA THR D 374 -12.89 -9.93 -25.13
C THR D 374 -12.98 -10.13 -23.62
N THR D 375 -12.39 -11.21 -23.13
CA THR D 375 -12.40 -11.52 -21.70
C THR D 375 -11.01 -11.92 -21.20
N ASP D 376 -10.78 -11.76 -19.91
CA ASP D 376 -9.50 -12.11 -19.30
C ASP D 376 -9.69 -12.99 -18.07
N TYR D 377 -8.68 -13.80 -17.79
CA TYR D 377 -8.72 -14.70 -16.65
C TYR D 377 -7.83 -14.23 -15.51
N ILE D 378 -8.37 -14.24 -14.30
CA ILE D 378 -7.62 -13.83 -13.11
C ILE D 378 -7.41 -15.01 -12.16
N PRO D 379 -6.16 -15.41 -11.94
CA PRO D 379 -5.85 -16.50 -11.01
C PRO D 379 -6.28 -16.18 -9.58
N PRO D 380 -6.63 -17.21 -8.79
CA PRO D 380 -7.21 -17.04 -7.45
C PRO D 380 -6.32 -16.30 -6.46
N ASP D 381 -5.01 -16.29 -6.71
CA ASP D 381 -4.06 -15.67 -5.80
C ASP D 381 -4.10 -14.15 -5.90
N LEU D 382 -4.80 -13.65 -6.92
CA LEU D 382 -4.93 -12.22 -7.14
C LEU D 382 -6.24 -11.67 -6.56
N VAL D 383 -7.10 -12.57 -6.10
CA VAL D 383 -8.42 -12.24 -5.58
C VAL D 383 -8.50 -12.48 -4.08
N ASP D 384 -8.80 -11.44 -3.32
CA ASP D 384 -8.84 -11.59 -1.86
C ASP D 384 -10.24 -11.79 -1.27
N VAL D 385 -11.27 -11.26 -1.91
CA VAL D 385 -12.63 -11.46 -1.41
C VAL D 385 -13.66 -11.72 -2.52
N TYR D 386 -14.51 -12.72 -2.29
CA TYR D 386 -15.64 -12.98 -3.20
C TYR D 386 -16.93 -12.61 -2.49
N LEU D 387 -17.64 -11.61 -3.01
CA LEU D 387 -18.88 -11.12 -2.39
C LEU D 387 -20.07 -11.69 -3.16
N THR D 388 -20.90 -12.47 -2.48
CA THR D 388 -22.06 -13.10 -3.13
C THR D 388 -23.32 -12.70 -2.40
N ASN D 389 -24.47 -13.01 -3.01
CA ASN D 389 -25.76 -12.76 -2.39
C ASN D 389 -25.92 -13.48 -1.06
N LEU D 390 -25.37 -14.69 -0.96
CA LEU D 390 -25.43 -15.48 0.27
C LEU D 390 -24.46 -14.93 1.32
N GLY D 391 -23.47 -14.18 0.87
CA GLY D 391 -22.54 -13.49 1.76
C GLY D 391 -21.14 -13.39 1.19
N PRO D 392 -20.19 -12.89 1.99
CA PRO D 392 -18.80 -12.88 1.54
C PRO D 392 -18.12 -14.22 1.76
N GLN D 393 -17.62 -14.86 0.70
CA GLN D 393 -17.02 -16.18 0.86
C GLN D 393 -15.54 -16.37 0.52
N THR D 394 -14.87 -17.10 1.42
CA THR D 394 -13.46 -17.44 1.29
C THR D 394 -13.36 -18.55 0.25
N ARG D 395 -12.15 -18.82 -0.21
CA ARG D 395 -11.98 -19.86 -1.23
C ARG D 395 -12.47 -21.19 -0.68
N HIS D 396 -12.16 -21.47 0.58
CA HIS D 396 -12.60 -22.70 1.21
C HIS D 396 -14.13 -22.72 1.29
N HIS D 397 -14.69 -21.56 1.62
CA HIS D 397 -16.11 -21.38 1.75
C HIS D 397 -16.70 -21.38 0.36
N LEU D 398 -15.91 -20.95 -0.62
CA LEU D 398 -16.45 -20.93 -1.98
C LEU D 398 -16.73 -22.37 -2.33
N GLY D 399 -15.74 -23.20 -2.04
CA GLY D 399 -15.80 -24.61 -2.34
C GLY D 399 -17.03 -25.13 -1.64
N GLY D 400 -17.24 -24.64 -0.42
CA GLY D 400 -18.37 -25.08 0.38
C GLY D 400 -19.69 -24.83 -0.31
N ILE D 401 -19.89 -23.62 -0.83
CA ILE D 401 -21.19 -23.29 -1.41
C ILE D 401 -21.31 -23.94 -2.78
N TYR D 402 -20.18 -24.33 -3.36
CA TYR D 402 -20.28 -25.05 -4.62
C TYR D 402 -21.00 -26.34 -4.31
N ALA D 403 -20.70 -26.91 -3.15
CA ALA D 403 -21.35 -28.13 -2.71
C ALA D 403 -22.82 -27.80 -2.51
N ASP D 404 -23.09 -26.63 -1.94
CA ASP D 404 -24.45 -26.18 -1.79
C ASP D 404 -25.12 -25.94 -3.15
N HIS D 405 -24.41 -25.27 -4.06
CA HIS D 405 -25.06 -24.85 -5.31
C HIS D 405 -25.36 -26.04 -6.23
N TYR D 406 -24.40 -26.95 -6.36
CA TYR D 406 -24.60 -28.14 -7.18
C TYR D 406 -24.09 -29.41 -6.50
#